data_6KV3
#
_entry.id   6KV3
#
_cell.length_a   50.979
_cell.length_b   107.714
_cell.length_c   93.986
_cell.angle_alpha   90.000
_cell.angle_beta   96.720
_cell.angle_gamma   90.000
#
_symmetry.space_group_name_H-M   'P 1 21 1'
#
loop_
_entity.id
_entity.type
_entity.pdbx_description
1 polymer 'NH(3)-dependent NAD(+) synthetase'
2 water water
#
_entity_poly.entity_id   1
_entity_poly.type   'polypeptide(L)'
_entity_poly.pdbx_seq_one_letter_code
;MSKLQDVIVQEMKVKKRIDSAEEIMELKQFIKNYVQSHSFIKSLVLGISGGQDSTLVGKLVQMSVNELREEGIDCTFIAV
KLPYGVQKDADEVEQALRFIEPDEIVTVNIKPAVDQSVQSLKEAGIVLTDFQKGNEKARERMKVQFSIASNRQGIVVGTD
HSAENITGFYTKYGDGAADIAPIFGLNKRQGRQLLAYLGAPKELYEKTPTADLEDDKPQLPDEDALGVTYEAIDNYLEGK
PVTPEEQKVIENHYIRNAHKRELAYTRYTWPKSLEHHHHHH
;
_entity_poly.pdbx_strand_id   A,C,B,D
#
# COMPACT_ATOMS: atom_id res chain seq x y z
N SER A 2 -8.56 0.40 58.42
CA SER A 2 -8.82 1.78 58.05
C SER A 2 -10.14 1.92 57.26
N LYS A 3 -10.89 0.81 57.20
CA LYS A 3 -12.19 0.76 56.48
C LYS A 3 -11.97 0.76 54.97
N LEU A 4 -11.37 1.81 54.41
CA LEU A 4 -11.09 1.82 52.95
C LEU A 4 -9.97 0.80 52.70
N GLN A 5 -9.02 0.72 53.64
CA GLN A 5 -7.92 -0.26 53.57
C GLN A 5 -8.52 -1.67 53.66
N ASP A 6 -9.57 -1.85 54.48
CA ASP A 6 -10.19 -3.17 54.61
C ASP A 6 -10.78 -3.65 53.29
N VAL A 7 -11.33 -2.74 52.49
CA VAL A 7 -11.83 -3.11 51.18
C VAL A 7 -10.68 -3.59 50.30
N ILE A 8 -9.62 -2.80 50.20
CA ILE A 8 -8.52 -3.16 49.31
C ILE A 8 -7.84 -4.43 49.81
N VAL A 9 -7.58 -4.52 51.12
CA VAL A 9 -6.95 -5.70 51.70
C VAL A 9 -7.70 -6.95 51.27
N GLN A 10 -9.03 -6.90 51.33
CA GLN A 10 -9.82 -8.07 50.98
C GLN A 10 -9.75 -8.37 49.49
N GLU A 11 -9.70 -7.33 48.65
CA GLU A 11 -9.70 -7.58 47.22
C GLU A 11 -8.35 -8.04 46.69
N MET A 12 -7.26 -7.59 47.31
CA MET A 12 -5.93 -7.89 46.78
C MET A 12 -5.37 -9.21 47.26
N LYS A 13 -6.01 -9.88 48.23
CA LYS A 13 -5.69 -11.27 48.57
C LYS A 13 -4.28 -11.46 49.14
N VAL A 14 -3.63 -10.42 49.70
CA VAL A 14 -2.27 -10.61 50.18
C VAL A 14 -2.31 -11.34 51.52
N LYS A 15 -1.50 -12.37 51.66
CA LYS A 15 -1.44 -13.09 52.91
C LYS A 15 -0.57 -12.33 53.89
N LYS A 16 -0.95 -12.41 55.17
CA LYS A 16 -0.22 -11.75 56.24
C LYS A 16 1.23 -12.18 56.24
N ARG A 17 1.46 -13.45 55.90
CA ARG A 17 2.73 -14.10 55.85
C ARG A 17 2.67 -15.22 54.82
N ILE A 18 3.84 -15.65 54.34
CA ILE A 18 3.92 -16.82 53.48
C ILE A 18 5.04 -17.71 53.96
N ASP A 19 4.76 -19.01 53.98
CA ASP A 19 5.80 -20.01 54.05
C ASP A 19 6.29 -20.25 52.63
N SER A 20 7.60 -20.10 52.42
CA SER A 20 8.15 -20.12 51.07
C SER A 20 7.84 -21.44 50.35
N ALA A 21 8.16 -22.56 51.00
CA ALA A 21 7.96 -23.87 50.38
C ALA A 21 6.48 -24.12 50.13
N GLU A 22 5.61 -23.80 51.10
CA GLU A 22 4.18 -23.94 50.90
C GLU A 22 3.69 -23.09 49.73
N GLU A 23 4.10 -21.82 49.74
CA GLU A 23 3.58 -20.86 48.76
C GLU A 23 4.03 -21.24 47.35
N ILE A 24 5.31 -21.60 47.20
CA ILE A 24 5.84 -22.07 45.91
C ILE A 24 5.10 -23.31 45.45
N MET A 25 4.84 -24.25 46.37
CA MET A 25 4.06 -25.42 45.99
C MET A 25 2.66 -25.01 45.52
N GLU A 26 2.02 -24.07 46.23
CA GLU A 26 0.67 -23.65 45.82
C GLU A 26 0.69 -22.95 44.46
N LEU A 27 1.72 -22.14 44.20
CA LEU A 27 1.79 -21.43 42.92
C LEU A 27 2.00 -22.39 41.76
N LYS A 28 2.84 -23.41 41.96
CA LYS A 28 3.08 -24.42 40.92
C LYS A 28 1.83 -25.23 40.64
N GLN A 29 1.07 -25.58 41.68
CA GLN A 29 -0.11 -26.40 41.47
C GLN A 29 -1.14 -25.69 40.61
N PHE A 30 -1.30 -24.38 40.80
CA PHE A 30 -2.20 -23.60 39.96
C PHE A 30 -1.73 -23.61 38.51
N ILE A 31 -0.45 -23.32 38.27
CA ILE A 31 0.09 -23.37 36.90
C ILE A 31 -0.07 -24.77 36.32
N LYS A 32 0.27 -25.80 37.11
CA LYS A 32 0.18 -27.18 36.61
C LYS A 32 -1.27 -27.59 36.38
N ASN A 33 -2.19 -27.19 37.27
CA ASN A 33 -3.60 -27.54 37.07
C ASN A 33 -4.17 -26.88 35.83
N TYR A 34 -3.75 -25.66 35.55
CA TYR A 34 -4.27 -24.95 34.39
C TYR A 34 -3.84 -25.62 33.08
N VAL A 35 -2.56 -25.98 32.96
CA VAL A 35 -2.10 -26.73 31.78
C VAL A 35 -2.88 -28.04 31.66
N GLN A 36 -2.97 -28.81 32.74
CA GLN A 36 -3.61 -30.13 32.69
C GLN A 36 -5.07 -30.05 32.24
N SER A 37 -5.75 -28.95 32.57
CA SER A 37 -7.16 -28.81 32.26
C SER A 37 -7.43 -28.29 30.85
N HIS A 38 -6.40 -28.00 30.06
CA HIS A 38 -6.58 -27.44 28.72
C HIS A 38 -5.76 -28.20 27.68
N SER A 39 -6.45 -29.04 26.90
CA SER A 39 -5.80 -29.96 25.98
C SER A 39 -4.81 -29.31 25.00
N PHE A 40 -5.01 -28.03 24.66
CA PHE A 40 -4.24 -27.43 23.58
C PHE A 40 -3.00 -26.66 24.05
N ILE A 41 -2.65 -26.71 25.33
CA ILE A 41 -1.52 -25.96 25.85
C ILE A 41 -0.25 -26.82 25.73
N LYS A 42 0.62 -26.47 24.78
CA LYS A 42 1.90 -27.14 24.61
C LYS A 42 3.08 -26.28 24.99
N SER A 43 2.86 -25.01 25.34
CA SER A 43 3.96 -24.14 25.72
C SER A 43 3.39 -23.02 26.57
N LEU A 44 4.24 -22.42 27.40
CA LEU A 44 3.91 -21.22 28.15
C LEU A 44 4.96 -20.16 27.83
N VAL A 45 4.52 -18.92 27.60
CA VAL A 45 5.35 -17.86 27.04
C VAL A 45 5.40 -16.67 27.98
N LEU A 46 6.62 -16.18 28.27
CA LEU A 46 6.80 -15.04 29.16
C LEU A 46 8.03 -14.25 28.76
N GLY A 47 7.87 -12.92 28.69
CA GLY A 47 9.02 -12.06 28.49
C GLY A 47 9.88 -11.95 29.74
N ILE A 48 11.19 -11.99 29.55
CA ILE A 48 12.17 -11.94 30.64
C ILE A 48 12.85 -10.58 30.55
N SER A 49 12.41 -9.63 31.38
CA SER A 49 13.01 -8.29 31.47
C SER A 49 14.25 -8.21 32.35
N GLY A 50 14.64 -9.26 33.05
CA GLY A 50 15.66 -9.12 34.08
C GLY A 50 15.15 -8.49 35.38
N GLY A 51 13.85 -8.06 35.44
CA GLY A 51 13.27 -7.52 36.65
C GLY A 51 12.71 -8.63 37.53
N GLN A 52 12.43 -8.30 38.81
CA GLN A 52 12.11 -9.34 39.80
C GLN A 52 10.83 -10.10 39.44
N ASP A 53 9.81 -9.41 38.91
CA ASP A 53 8.53 -10.07 38.68
C ASP A 53 8.65 -11.16 37.62
N SER A 54 9.18 -10.83 36.43
CA SER A 54 9.31 -11.86 35.41
C SER A 54 10.33 -12.92 35.82
N THR A 55 11.31 -12.56 36.64
CA THR A 55 12.30 -13.55 37.08
C THR A 55 11.66 -14.63 37.95
N LEU A 56 10.86 -14.23 38.95
CA LEU A 56 10.17 -15.22 39.78
C LEU A 56 9.16 -16.03 38.97
N VAL A 57 8.35 -15.36 38.14
CA VAL A 57 7.32 -16.08 37.40
C VAL A 57 7.94 -17.01 36.35
N GLY A 58 8.99 -16.57 35.67
CA GLY A 58 9.70 -17.48 34.77
C GLY A 58 10.15 -18.73 35.50
N LYS A 59 10.80 -18.54 36.66
CA LYS A 59 11.27 -19.69 37.44
C LYS A 59 10.11 -20.58 37.89
N LEU A 60 9.02 -19.97 38.35
CA LEU A 60 7.86 -20.78 38.73
C LEU A 60 7.36 -21.59 37.56
N VAL A 61 7.31 -20.99 36.36
CA VAL A 61 6.76 -21.69 35.22
C VAL A 61 7.66 -22.84 34.79
N GLN A 62 8.98 -22.61 34.77
CA GLN A 62 9.93 -23.66 34.36
C GLN A 62 9.82 -24.85 35.34
N MET A 63 9.83 -24.58 36.64
CA MET A 63 9.67 -25.64 37.62
C MET A 63 8.34 -26.38 37.43
N SER A 64 7.29 -25.63 37.06
CA SER A 64 6.01 -26.28 36.79
C SER A 64 6.09 -27.11 35.53
N VAL A 65 6.84 -26.63 34.54
CA VAL A 65 6.93 -27.36 33.29
C VAL A 65 7.76 -28.63 33.48
N ASN A 66 8.84 -28.55 34.27
CA ASN A 66 9.60 -29.76 34.59
C ASN A 66 8.69 -30.83 35.19
N GLU A 67 7.87 -30.47 36.20
CA GLU A 67 7.05 -31.47 36.87
C GLU A 67 5.90 -31.96 35.99
N LEU A 68 5.40 -31.11 35.09
CA LEU A 68 4.37 -31.56 34.16
C LEU A 68 4.91 -32.64 33.23
N ARG A 69 6.16 -32.52 32.82
CA ARG A 69 6.74 -33.51 31.94
C ARG A 69 7.07 -34.80 32.67
N GLU A 70 7.27 -34.75 33.98
CA GLU A 70 7.42 -35.99 34.75
C GLU A 70 6.11 -36.72 34.93
N GLU A 71 4.98 -36.03 34.85
CA GLU A 71 3.67 -36.63 34.99
C GLU A 71 3.08 -37.04 33.65
N GLY A 72 3.86 -36.96 32.57
CA GLY A 72 3.41 -37.39 31.27
C GLY A 72 2.77 -36.32 30.41
N ASP A 74 3.33 -33.29 27.86
CA ASP A 74 4.32 -32.65 26.97
C ASP A 74 4.06 -31.14 26.87
N CYS A 75 4.93 -30.34 27.47
CA CYS A 75 4.84 -28.89 27.41
C CYS A 75 6.22 -28.30 27.61
N THR A 76 6.40 -27.07 27.15
CA THR A 76 7.69 -26.38 27.19
C THR A 76 7.52 -24.95 27.69
N PHE A 77 8.56 -24.43 28.34
CA PHE A 77 8.60 -23.01 28.70
C PHE A 77 9.46 -22.25 27.69
N ILE A 78 8.93 -21.13 27.19
CA ILE A 78 9.60 -20.31 26.19
C ILE A 78 9.83 -18.93 26.83
N ALA A 79 11.06 -18.67 27.25
CA ALA A 79 11.43 -17.32 27.69
C ALA A 79 11.67 -16.45 26.46
N VAL A 80 11.22 -15.20 26.54
CA VAL A 80 11.34 -14.26 25.42
C VAL A 80 12.14 -13.04 25.87
N LYS A 81 13.26 -12.79 25.21
CA LYS A 81 13.97 -11.53 25.38
C LYS A 81 13.32 -10.48 24.46
N LEU A 82 12.98 -9.31 25.01
CA LEU A 82 12.23 -8.29 24.29
C LEU A 82 12.94 -6.93 24.35
N PRO A 83 14.16 -6.85 23.83
CA PRO A 83 14.89 -5.57 23.91
C PRO A 83 14.30 -4.53 22.97
N TYR A 84 14.37 -3.27 23.40
CA TYR A 84 14.07 -2.14 22.52
C TYR A 84 15.40 -1.59 22.03
N GLY A 85 15.81 -1.96 20.84
CA GLY A 85 17.11 -1.51 20.37
C GLY A 85 18.16 -2.33 21.06
N VAL A 86 19.20 -1.67 21.56
CA VAL A 86 20.32 -2.34 22.21
C VAL A 86 19.94 -2.60 23.66
N GLN A 87 19.86 -3.89 24.02
CA GLN A 87 19.65 -4.34 25.38
C GLN A 87 20.71 -3.75 26.31
N LYS A 88 20.31 -2.75 27.10
CA LYS A 88 21.23 -2.04 28.02
C LYS A 88 21.22 -2.66 29.42
N ASP A 89 20.13 -3.34 29.78
CA ASP A 89 20.05 -4.06 31.07
C ASP A 89 20.33 -5.54 30.77
N ALA A 90 21.23 -5.78 29.82
CA ALA A 90 21.61 -7.13 29.34
C ALA A 90 22.08 -8.03 30.48
N ASP A 91 22.82 -7.50 31.45
CA ASP A 91 23.35 -8.31 32.58
C ASP A 91 22.20 -8.91 33.39
N GLU A 92 21.21 -8.08 33.75
CA GLU A 92 20.05 -8.57 34.56
C GLU A 92 19.30 -9.64 33.77
N VAL A 93 19.08 -9.40 32.46
CA VAL A 93 18.35 -10.36 31.59
C VAL A 93 19.10 -11.69 31.56
N GLU A 94 20.40 -11.66 31.25
CA GLU A 94 21.20 -12.91 31.18
C GLU A 94 21.18 -13.61 32.55
N GLN A 95 21.36 -12.85 33.62
CA GLN A 95 21.33 -13.38 35.01
C GLN A 95 19.98 -14.06 35.28
N ALA A 96 18.87 -13.43 34.88
CA ALA A 96 17.56 -14.06 35.06
C ALA A 96 17.51 -15.38 34.29
N LEU A 97 17.99 -15.35 33.06
CA LEU A 97 17.94 -16.53 32.22
C LEU A 97 18.74 -17.70 32.82
N ARG A 98 19.94 -17.40 33.31
CA ARG A 98 20.81 -18.45 33.89
C ARG A 98 20.11 -19.09 35.10
N PHE A 99 19.30 -18.31 35.83
CA PHE A 99 18.64 -18.79 37.02
C PHE A 99 17.40 -19.59 36.66
N ILE A 100 16.69 -19.17 35.61
CA ILE A 100 15.44 -19.83 35.26
C ILE A 100 15.70 -21.20 34.59
N GLU A 101 16.74 -21.32 33.77
CA GLU A 101 16.98 -22.48 32.91
C GLU A 101 15.77 -22.78 32.02
N PRO A 102 15.40 -21.86 31.11
CA PRO A 102 14.24 -22.10 30.27
C PRO A 102 14.47 -23.16 29.19
N ASP A 103 13.40 -23.87 28.83
CA ASP A 103 13.47 -24.82 27.74
C ASP A 103 13.93 -24.16 26.45
N GLU A 104 13.42 -22.96 26.17
CA GLU A 104 13.77 -22.25 24.95
C GLU A 104 13.83 -20.75 25.18
N ILE A 105 14.74 -20.08 24.47
CA ILE A 105 14.87 -18.63 24.52
C ILE A 105 14.64 -18.11 23.10
N VAL A 106 13.69 -17.19 22.97
CA VAL A 106 13.44 -16.47 21.73
C VAL A 106 13.77 -15.00 21.99
N THR A 107 14.50 -14.38 21.07
CA THR A 107 14.84 -12.96 21.15
C THR A 107 14.12 -12.27 20.00
N VAL A 108 13.34 -11.26 20.34
CA VAL A 108 12.59 -10.46 19.36
C VAL A 108 12.83 -9.00 19.72
N ASN A 109 13.54 -8.28 18.84
CA ASN A 109 13.74 -6.85 19.01
C ASN A 109 12.50 -6.10 18.55
N ILE A 110 11.90 -5.33 19.47
CA ILE A 110 10.65 -4.62 19.19
C ILE A 110 10.85 -3.24 18.58
N LYS A 111 12.09 -2.73 18.52
CA LYS A 111 12.33 -1.37 18.03
C LYS A 111 11.79 -1.13 16.62
N PRO A 112 12.03 -1.99 15.62
CA PRO A 112 11.49 -1.70 14.28
C PRO A 112 9.97 -1.63 14.24
N ALA A 113 9.27 -2.47 14.97
CA ALA A 113 7.81 -2.35 14.97
C ALA A 113 7.38 -1.07 15.68
N VAL A 114 7.98 -0.78 16.83
CA VAL A 114 7.58 0.37 17.62
C VAL A 114 7.84 1.67 16.88
N ASP A 115 9.04 1.83 16.31
CA ASP A 115 9.33 3.09 15.60
C ASP A 115 8.38 3.28 14.42
N GLN A 116 7.94 2.20 13.78
CA GLN A 116 7.00 2.35 12.67
C GLN A 116 5.60 2.72 13.15
N SER A 117 5.12 2.13 14.24
CA SER A 117 3.86 2.61 14.82
C SER A 117 3.94 4.10 15.13
N VAL A 118 5.04 4.53 15.74
CA VAL A 118 5.20 5.95 16.05
C VAL A 118 5.26 6.77 14.77
N GLN A 119 6.00 6.28 13.79
CA GLN A 119 6.14 7.00 12.53
C GLN A 119 4.79 7.09 11.81
N SER A 120 4.03 6.00 11.76
CA SER A 120 2.74 6.01 11.09
C SER A 120 1.81 7.06 11.70
N LEU A 121 1.76 7.14 13.03
CA LEU A 121 0.90 8.13 13.68
C LEU A 121 1.40 9.54 13.44
N LYS A 122 2.72 9.74 13.48
CA LYS A 122 3.30 11.06 13.22
C LYS A 122 2.89 11.58 11.86
N GLU A 123 2.81 10.67 10.87
CA GLU A 123 2.35 11.05 9.55
C GLU A 123 0.90 11.48 9.55
N ALA A 124 0.08 10.83 10.38
CA ALA A 124 -1.32 11.18 10.54
C ALA A 124 -1.55 12.42 11.40
N GLY A 125 -0.48 13.08 11.86
CA GLY A 125 -0.61 14.28 12.65
C GLY A 125 -0.66 14.04 14.14
N ILE A 126 -0.38 12.83 14.59
CA ILE A 126 -0.52 12.46 15.99
C ILE A 126 0.90 12.27 16.49
N VAL A 127 1.42 13.24 17.24
CA VAL A 127 2.79 13.18 17.75
C VAL A 127 2.73 12.66 19.17
N LEU A 128 3.25 11.46 19.40
CA LEU A 128 3.20 10.84 20.72
C LEU A 128 4.21 11.51 21.66
N THR A 129 3.82 11.64 22.93
CA THR A 129 4.77 12.02 23.95
C THR A 129 5.65 10.81 24.30
N ASP A 130 6.71 11.05 25.07
CA ASP A 130 7.59 9.94 25.41
C ASP A 130 6.85 8.89 26.20
N PHE A 131 5.93 9.32 27.08
CA PHE A 131 5.10 8.38 27.82
C PHE A 131 4.25 7.53 26.88
N GLN A 132 3.61 8.17 25.90
CA GLN A 132 2.81 7.46 24.91
C GLN A 132 3.66 6.50 24.08
N LYS A 133 4.88 6.91 23.73
CA LYS A 133 5.78 6.01 23.02
C LYS A 133 6.15 4.80 23.87
N GLY A 134 6.33 5.00 25.18
CA GLY A 134 6.59 3.88 26.08
C GLY A 134 5.42 2.92 26.16
N ASN A 135 4.19 3.44 26.07
CA ASN A 135 3.01 2.59 26.03
C ASN A 135 3.01 1.73 24.76
N GLU A 136 3.45 2.30 23.64
CA GLU A 136 3.55 1.53 22.40
C GLU A 136 4.56 0.40 22.55
N LYS A 137 5.69 0.67 23.21
CA LYS A 137 6.64 -0.39 23.50
C LYS A 137 5.98 -1.54 24.28
N ALA A 138 5.22 -1.20 25.34
CA ALA A 138 4.62 -2.25 26.17
C ALA A 138 3.60 -3.06 25.41
N ARG A 139 2.77 -2.40 24.61
CA ARG A 139 1.76 -3.15 23.88
C ARG A 139 2.40 -4.00 22.78
N GLU A 140 3.51 -3.56 22.22
CA GLU A 140 4.20 -4.38 21.24
C GLU A 140 4.80 -5.62 21.90
N ARG A 141 5.35 -5.46 23.11
CA ARG A 141 5.82 -6.62 23.89
C ARG A 141 4.68 -7.61 24.11
N MET A 142 3.48 -7.09 24.37
CA MET A 142 2.33 -7.97 24.46
C MET A 142 2.11 -8.71 23.14
N LYS A 143 2.16 -7.98 22.01
CA LYS A 143 1.93 -8.60 20.71
C LYS A 143 2.93 -9.70 20.39
N VAL A 144 4.22 -9.47 20.68
CA VAL A 144 5.22 -10.51 20.43
C VAL A 144 4.90 -11.78 21.22
N GLN A 145 4.54 -11.62 22.50
CA GLN A 145 4.31 -12.80 23.34
C GLN A 145 3.09 -13.58 22.86
N PHE A 146 2.02 -12.89 22.47
CA PHE A 146 0.83 -13.60 22.02
C PHE A 146 1.01 -14.20 20.63
N SER A 147 1.84 -13.58 19.78
CA SER A 147 2.11 -14.22 18.49
C SER A 147 2.96 -15.46 18.67
N ILE A 148 3.88 -15.45 19.64
CA ILE A 148 4.65 -16.66 19.93
C ILE A 148 3.77 -17.73 20.57
N ALA A 149 2.90 -17.32 21.50
CA ALA A 149 1.98 -18.28 22.10
C ALA A 149 1.07 -18.90 21.04
N SER A 150 0.54 -18.08 20.15
CA SER A 150 -0.25 -18.60 19.05
C SER A 150 0.57 -19.52 18.18
N ASN A 151 1.79 -19.13 17.87
CA ASN A 151 2.60 -19.91 16.94
C ASN A 151 3.03 -21.24 17.57
N ARG A 152 3.24 -21.25 18.89
CA ARG A 152 3.71 -22.44 19.58
C ARG A 152 2.62 -23.18 20.33
N GLN A 153 1.35 -22.85 20.07
CA GLN A 153 0.22 -23.53 20.69
C GLN A 153 0.28 -23.46 22.21
N GLY A 154 0.54 -22.26 22.71
CA GLY A 154 0.68 -22.05 24.13
C GLY A 154 -0.18 -20.92 24.64
N ILE A 155 0.12 -20.47 25.86
CA ILE A 155 -0.57 -19.35 26.51
C ILE A 155 0.49 -18.39 27.01
N VAL A 156 0.08 -17.14 27.22
CA VAL A 156 0.96 -16.10 27.74
C VAL A 156 0.76 -16.00 29.24
N VAL A 157 1.87 -16.03 29.97
CA VAL A 157 1.89 -15.93 31.44
C VAL A 157 2.20 -14.49 31.81
N GLY A 158 1.39 -13.92 32.71
CA GLY A 158 1.59 -12.56 33.19
C GLY A 158 2.27 -12.52 34.54
N THR A 159 2.81 -11.35 34.88
CA THR A 159 3.53 -11.11 36.13
C THR A 159 2.80 -10.17 37.07
N ASP A 160 1.54 -9.83 36.81
CA ASP A 160 0.81 -8.95 37.72
C ASP A 160 0.78 -9.53 39.12
N HIS A 161 1.01 -8.67 40.11
CA HIS A 161 0.83 -9.05 41.52
C HIS A 161 0.10 -7.93 42.22
N SER A 162 -0.05 -8.05 43.54
CA SER A 162 -0.96 -7.14 44.21
C SER A 162 -0.35 -5.78 44.50
N ALA A 163 0.97 -5.69 44.67
CA ALA A 163 1.56 -4.36 44.80
C ALA A 163 1.57 -3.61 43.47
N GLU A 164 1.52 -4.36 42.37
CA GLU A 164 1.36 -3.85 41.02
C GLU A 164 -0.09 -3.42 40.84
N ASN A 165 -0.98 -4.41 40.88
CA ASN A 165 -2.43 -4.25 40.84
C ASN A 165 -2.97 -3.01 41.53
N ILE A 166 -2.34 -2.64 42.64
CA ILE A 166 -2.78 -1.46 43.46
C ILE A 166 -2.14 -0.18 42.95
N THR A 167 -0.90 -0.23 42.46
CA THR A 167 -0.19 0.98 41.98
C THR A 167 1.06 0.60 41.17
N GLY A 168 1.18 1.10 39.94
CA GLY A 168 2.34 0.80 39.13
C GLY A 168 2.10 1.00 37.66
N TYR A 170 1.68 -0.47 34.91
CA TYR A 170 1.10 -1.42 33.97
C TYR A 170 0.32 -0.66 32.89
N THR A 171 0.62 -0.97 31.63
CA THR A 171 -0.03 -0.33 30.47
C THR A 171 -1.25 -1.15 30.08
N LYS A 172 -2.42 -0.52 30.02
CA LYS A 172 -3.64 -1.26 29.71
C LYS A 172 -3.51 -1.97 28.37
N TYR A 173 -3.74 -3.29 28.39
CA TYR A 173 -3.58 -4.15 27.23
C TYR A 173 -2.13 -4.20 26.76
N GLY A 174 -1.21 -3.85 27.64
CA GLY A 174 0.20 -3.94 27.36
C GLY A 174 0.85 -5.15 27.99
N ASP A 175 2.12 -5.00 28.37
CA ASP A 175 2.97 -6.13 28.73
C ASP A 175 2.40 -7.02 29.83
N GLY A 176 1.55 -6.51 30.72
CA GLY A 176 0.99 -7.42 31.71
C GLY A 176 -0.21 -8.25 31.27
N ALA A 177 -0.81 -7.91 30.13
CA ALA A 177 -2.01 -8.61 29.67
C ALA A 177 -1.67 -10.03 29.25
N ALA A 178 -2.34 -11.02 29.85
CA ALA A 178 -1.95 -12.41 29.64
C ALA A 178 -3.16 -13.32 29.80
N ASP A 179 -2.91 -14.63 29.66
CA ASP A 179 -3.92 -15.67 29.87
C ASP A 179 -3.99 -16.12 31.32
N ILE A 180 -2.87 -16.19 32.03
CA ILE A 180 -2.85 -16.52 33.44
C ILE A 180 -1.89 -15.55 34.15
N ALA A 181 -2.19 -15.28 35.42
CA ALA A 181 -1.41 -14.34 36.22
C ALA A 181 -1.15 -15.00 37.57
N PRO A 182 -0.15 -15.88 37.65
CA PRO A 182 -0.04 -16.76 38.83
C PRO A 182 0.28 -16.06 40.13
N ILE A 183 1.10 -15.00 40.12
CA ILE A 183 1.53 -14.44 41.40
C ILE A 183 0.64 -13.29 41.85
N PHE A 184 -0.55 -13.15 41.26
CA PHE A 184 -1.53 -12.25 41.83
C PHE A 184 -1.84 -12.73 43.23
N GLY A 185 -1.83 -11.82 44.21
CA GLY A 185 -1.89 -12.17 45.60
C GLY A 185 -0.59 -11.96 46.36
N LEU A 186 0.56 -12.06 45.70
CA LEU A 186 1.80 -11.65 46.36
C LEU A 186 1.94 -10.13 46.31
N ASN A 187 2.52 -9.56 47.37
CA ASN A 187 2.99 -8.18 47.34
C ASN A 187 4.49 -8.20 46.97
N LYS A 188 5.15 -7.04 47.02
CA LYS A 188 6.50 -6.96 46.46
C LYS A 188 7.52 -7.74 47.31
N ARG A 189 7.54 -7.49 48.63
CA ARG A 189 8.51 -8.17 49.50
C ARG A 189 8.30 -9.69 49.47
N GLN A 190 7.06 -10.13 49.27
CA GLN A 190 6.80 -11.56 49.21
C GLN A 190 7.46 -12.19 47.99
N GLY A 191 7.44 -11.48 46.86
CA GLY A 191 8.20 -11.94 45.71
C GLY A 191 9.67 -12.10 45.99
N ARG A 192 10.26 -11.13 46.72
CA ARG A 192 11.68 -11.23 47.03
C ARG A 192 11.96 -12.46 47.90
N GLN A 193 11.09 -12.71 48.89
CA GLN A 193 11.26 -13.87 49.75
C GLN A 193 11.31 -15.16 48.95
N LEU A 194 10.39 -15.32 48.01
CA LEU A 194 10.39 -16.53 47.19
C LEU A 194 11.63 -16.58 46.31
N LEU A 195 12.05 -15.43 45.75
CA LEU A 195 13.27 -15.44 44.93
C LEU A 195 14.48 -15.83 45.78
N ALA A 196 14.59 -15.27 46.99
CA ALA A 196 15.71 -15.61 47.86
C ALA A 196 15.69 -17.09 48.26
N TYR A 197 14.50 -17.61 48.57
CA TYR A 197 14.41 -19.01 48.91
C TYR A 197 14.84 -19.90 47.74
N LEU A 198 14.56 -19.48 46.51
CA LEU A 198 14.93 -20.28 45.34
C LEU A 198 16.39 -20.12 44.93
N GLY A 199 17.16 -19.26 45.62
CA GLY A 199 18.56 -19.14 45.27
C GLY A 199 18.85 -18.18 44.13
N ALA A 200 17.94 -17.27 43.83
CA ALA A 200 18.24 -16.25 42.82
C ALA A 200 19.44 -15.43 43.26
N PRO A 201 20.29 -14.99 42.33
CA PRO A 201 21.30 -14.00 42.71
C PRO A 201 20.56 -12.76 43.18
N LYS A 202 21.16 -12.02 44.10
CA LYS A 202 20.31 -11.01 44.71
C LYS A 202 20.24 -9.73 43.89
N GLU A 203 21.15 -9.55 42.93
CA GLU A 203 21.03 -8.51 41.91
C GLU A 203 19.65 -8.49 41.24
N LEU A 204 18.92 -9.60 41.31
CA LEU A 204 17.63 -9.75 40.63
C LEU A 204 16.44 -9.48 41.53
N TYR A 205 16.67 -9.16 42.81
CA TYR A 205 15.61 -8.71 43.71
C TYR A 205 16.19 -7.64 44.65
N GLU A 206 16.47 -6.46 44.08
CA GLU A 206 17.07 -5.39 44.86
C GLU A 206 16.47 -4.01 44.54
N ALA A 225 8.32 9.30 42.31
CA ALA A 225 7.83 8.14 41.57
C ALA A 225 6.33 7.98 41.84
N LEU A 226 5.94 6.83 42.40
CA LEU A 226 4.57 6.66 42.85
C LEU A 226 4.19 7.64 43.95
N GLY A 227 5.16 8.34 44.54
CA GLY A 227 4.91 9.14 45.71
C GLY A 227 4.73 8.33 46.96
N VAL A 228 5.11 7.06 46.93
CA VAL A 228 4.95 6.15 48.06
C VAL A 228 5.97 5.03 47.89
N THR A 229 6.52 4.57 48.99
CA THR A 229 7.51 3.50 48.85
C THR A 229 6.82 2.15 48.63
N TYR A 230 7.59 1.20 48.10
CA TYR A 230 7.08 -0.16 47.99
C TYR A 230 6.87 -0.76 49.38
N GLU A 231 7.63 -0.28 50.37
CA GLU A 231 7.48 -0.75 51.74
C GLU A 231 6.12 -0.30 52.29
N ALA A 232 5.68 0.91 51.95
CA ALA A 232 4.37 1.33 52.43
C ALA A 232 3.25 0.60 51.70
N ILE A 233 3.40 0.41 50.38
CA ILE A 233 2.41 -0.36 49.62
C ILE A 233 2.26 -1.77 50.19
N ASP A 234 3.39 -2.46 50.36
CA ASP A 234 3.35 -3.83 50.88
C ASP A 234 2.73 -3.88 52.27
N ASN A 235 3.14 -2.96 53.17
CA ASN A 235 2.55 -2.90 54.50
C ASN A 235 1.05 -2.65 54.42
N TYR A 236 0.65 -1.73 53.54
CA TYR A 236 -0.79 -1.40 53.36
C TYR A 236 -1.55 -2.66 52.91
N LEU A 237 -0.97 -3.41 51.97
CA LEU A 237 -1.62 -4.61 51.48
C LEU A 237 -1.74 -5.68 52.57
N GLU A 238 -0.79 -5.73 53.48
CA GLU A 238 -0.85 -6.64 54.61
C GLU A 238 -1.80 -6.16 55.72
N GLY A 239 -2.56 -5.09 55.47
CA GLY A 239 -3.41 -4.56 56.51
C GLY A 239 -2.68 -3.75 57.55
N LYS A 240 -1.41 -3.41 57.33
CA LYS A 240 -0.79 -2.63 58.39
C LYS A 240 -1.13 -1.16 58.23
N PRO A 241 -1.18 -0.41 59.33
CA PRO A 241 -1.41 1.04 59.21
C PRO A 241 -0.16 1.74 58.68
N VAL A 242 -0.38 2.72 57.80
CA VAL A 242 0.66 3.55 57.21
C VAL A 242 0.29 5.01 57.44
N THR A 243 1.21 5.93 57.12
CA THR A 243 0.93 7.33 57.40
C THR A 243 -0.33 7.77 56.65
N PRO A 244 -1.07 8.74 57.19
CA PRO A 244 -2.22 9.29 56.43
C PRO A 244 -1.82 9.71 55.03
N GLU A 245 -0.64 10.30 54.91
CA GLU A 245 -0.20 10.80 53.62
C GLU A 245 0.07 9.66 52.64
N GLU A 246 0.66 8.56 53.12
CA GLU A 246 0.81 7.37 52.30
C GLU A 246 -0.54 6.73 51.96
N GLN A 247 -1.49 6.75 52.91
CA GLN A 247 -2.83 6.24 52.63
C GLN A 247 -3.48 6.94 51.44
N LYS A 248 -3.35 8.26 51.34
CA LYS A 248 -4.03 8.99 50.27
C LYS A 248 -3.43 8.66 48.90
N VAL A 249 -2.10 8.53 48.84
CA VAL A 249 -1.42 8.21 47.59
C VAL A 249 -1.75 6.79 47.15
N ILE A 250 -1.72 5.83 48.08
CA ILE A 250 -2.04 4.45 47.73
C ILE A 250 -3.49 4.35 47.26
N GLU A 251 -4.38 4.95 48.06
CA GLU A 251 -5.85 4.94 47.81
C GLU A 251 -6.18 5.64 46.48
N ASN A 252 -5.54 6.78 46.19
CA ASN A 252 -5.81 7.49 44.94
C ASN A 252 -5.30 6.69 43.75
N HIS A 253 -4.13 6.05 43.90
CA HIS A 253 -3.60 5.19 42.84
C HIS A 253 -4.53 4.01 42.61
N TYR A 254 -5.06 3.43 43.69
CA TYR A 254 -5.96 2.29 43.56
C TYR A 254 -7.21 2.67 42.80
N ILE A 255 -7.80 3.81 43.15
CA ILE A 255 -9.05 4.22 42.54
C ILE A 255 -8.84 4.60 41.07
N ARG A 256 -7.74 5.29 40.77
CA ARG A 256 -7.56 5.74 39.40
C ARG A 256 -7.20 4.62 38.44
N ASN A 257 -6.87 3.43 38.95
CA ASN A 257 -6.46 2.31 38.09
C ASN A 257 -7.52 1.23 37.98
N ALA A 258 -8.71 1.43 38.58
CA ALA A 258 -9.74 0.41 38.58
C ALA A 258 -10.11 -0.04 37.18
N HIS A 259 -10.07 0.88 36.21
CA HIS A 259 -10.42 0.52 34.84
C HIS A 259 -9.45 -0.52 34.28
N LYS A 260 -8.24 -0.62 34.83
CA LYS A 260 -7.30 -1.61 34.35
C LYS A 260 -7.59 -3.02 34.88
N ARG A 261 -8.30 -3.13 36.00
CA ARG A 261 -8.64 -4.41 36.59
C ARG A 261 -9.92 -4.98 36.02
N GLU A 262 -10.42 -4.42 34.91
CA GLU A 262 -11.67 -4.84 34.33
C GLU A 262 -11.63 -4.66 32.82
N LEU A 263 -12.30 -5.54 32.10
CA LEU A 263 -12.47 -5.29 30.67
C LEU A 263 -13.36 -4.05 30.52
N ALA A 264 -13.53 -3.61 29.27
CA ALA A 264 -14.33 -2.42 29.00
C ALA A 264 -15.67 -2.41 29.73
N TYR A 265 -16.01 -1.24 30.29
CA TYR A 265 -17.28 -1.07 30.97
C TYR A 265 -18.45 -1.16 30.00
N THR A 266 -19.52 -1.82 30.46
CA THR A 266 -20.75 -2.00 29.73
C THR A 266 -21.86 -1.33 30.52
N ARG A 267 -23.09 -1.43 29.99
CA ARG A 267 -24.26 -0.98 30.73
C ARG A 267 -24.47 -1.72 32.05
N TYR A 268 -23.85 -2.88 32.21
CA TYR A 268 -24.11 -3.74 33.37
C TYR A 268 -22.99 -3.74 34.39
N THR A 269 -21.79 -3.30 34.02
CA THR A 269 -20.71 -3.14 34.97
C THR A 269 -20.46 -1.68 35.36
N TRP A 270 -21.00 -0.72 34.63
CA TRP A 270 -20.85 0.67 35.06
C TRP A 270 -22.21 1.36 35.14
N SER B 2 -16.91 -13.57 -31.02
CA SER B 2 -16.76 -12.13 -31.24
C SER B 2 -16.90 -11.34 -29.93
N LYS B 3 -16.51 -11.94 -28.81
CA LYS B 3 -16.46 -11.16 -27.57
C LYS B 3 -15.23 -10.26 -27.50
N LEU B 4 -14.12 -10.65 -28.14
CA LEU B 4 -12.98 -9.74 -28.19
C LEU B 4 -13.28 -8.58 -29.12
N GLN B 5 -14.20 -8.77 -30.08
CA GLN B 5 -14.66 -7.67 -30.91
C GLN B 5 -15.33 -6.59 -30.08
N ASP B 6 -16.15 -6.99 -29.11
CA ASP B 6 -16.74 -6.01 -28.20
C ASP B 6 -15.65 -5.33 -27.37
N VAL B 7 -14.62 -6.09 -26.98
CA VAL B 7 -13.49 -5.51 -26.27
C VAL B 7 -12.77 -4.51 -27.16
N ILE B 8 -12.42 -4.94 -28.37
CA ILE B 8 -11.68 -4.07 -29.29
C ILE B 8 -12.54 -2.87 -29.68
N VAL B 9 -13.81 -3.11 -30.03
CA VAL B 9 -14.71 -2.03 -30.41
C VAL B 9 -14.77 -0.98 -29.31
N GLN B 10 -14.99 -1.42 -28.07
CA GLN B 10 -15.09 -0.47 -26.98
C GLN B 10 -13.77 0.23 -26.75
N GLU B 11 -12.65 -0.46 -26.94
CA GLU B 11 -11.37 0.21 -26.77
C GLU B 11 -11.05 1.16 -27.93
N MET B 12 -11.48 0.84 -29.14
CA MET B 12 -11.11 1.70 -30.26
C MET B 12 -12.06 2.87 -30.46
N LYS B 13 -13.18 2.93 -29.74
CA LYS B 13 -14.04 4.11 -29.65
C LYS B 13 -14.67 4.50 -30.99
N VAL B 14 -14.78 3.57 -31.93
CA VAL B 14 -15.33 3.87 -33.24
C VAL B 14 -16.84 4.01 -33.12
N LYS B 15 -17.39 5.06 -33.73
CA LYS B 15 -18.83 5.22 -33.79
C LYS B 15 -19.38 4.41 -34.95
N LYS B 16 -20.58 3.85 -34.77
CA LYS B 16 -21.18 3.05 -35.83
C LYS B 16 -21.32 3.87 -37.11
N ARG B 17 -21.61 5.16 -36.96
CA ARG B 17 -21.73 6.07 -38.08
C ARG B 17 -21.39 7.46 -37.60
N ILE B 18 -21.08 8.33 -38.55
CA ILE B 18 -20.83 9.73 -38.26
C ILE B 18 -21.57 10.58 -39.26
N ASP B 19 -22.16 11.68 -38.80
CA ASP B 19 -22.54 12.75 -39.69
C ASP B 19 -21.31 13.64 -39.90
N SER B 20 -20.95 13.89 -41.16
CA SER B 20 -19.66 14.54 -41.45
C SER B 20 -19.55 15.91 -40.79
N ALA B 21 -20.55 16.78 -40.98
CA ALA B 21 -20.46 18.14 -40.45
C ALA B 21 -20.41 18.15 -38.94
N GLU B 22 -21.21 17.28 -38.31
CA GLU B 22 -21.15 17.14 -36.85
C GLU B 22 -19.76 16.70 -36.39
N GLU B 23 -19.18 15.70 -37.06
CA GLU B 23 -17.91 15.14 -36.59
C GLU B 23 -16.76 16.11 -36.80
N ILE B 24 -16.74 16.77 -37.96
CA ILE B 24 -15.73 17.78 -38.21
C ILE B 24 -15.82 18.88 -37.16
N MET B 25 -17.04 19.26 -36.78
CA MET B 25 -17.18 20.25 -35.71
C MET B 25 -16.58 19.72 -34.43
N GLU B 26 -16.86 18.45 -34.11
CA GLU B 26 -16.33 17.90 -32.88
C GLU B 26 -14.82 17.81 -32.92
N LEU B 27 -14.25 17.47 -34.08
CA LEU B 27 -12.80 17.31 -34.14
C LEU B 27 -12.10 18.66 -34.02
N LYS B 28 -12.62 19.70 -34.67
CA LYS B 28 -11.97 20.99 -34.53
C LYS B 28 -12.15 21.52 -33.11
N GLN B 29 -13.32 21.31 -32.51
CA GLN B 29 -13.54 21.77 -31.14
C GLN B 29 -12.55 21.13 -30.17
N PHE B 30 -12.22 19.85 -30.38
CA PHE B 30 -11.21 19.21 -29.56
C PHE B 30 -9.84 19.87 -29.73
N ILE B 31 -9.41 20.09 -30.97
CA ILE B 31 -8.14 20.78 -31.22
C ILE B 31 -8.18 22.20 -30.64
N LYS B 32 -9.27 22.92 -30.89
CA LYS B 32 -9.38 24.30 -30.42
C LYS B 32 -9.47 24.37 -28.90
N ASN B 33 -10.26 23.48 -28.29
CA ASN B 33 -10.33 23.51 -26.83
C ASN B 33 -8.98 23.13 -26.22
N TYR B 34 -8.22 22.26 -26.88
CA TYR B 34 -6.92 21.88 -26.33
C TYR B 34 -5.94 23.06 -26.36
N VAL B 35 -5.87 23.78 -27.49
CA VAL B 35 -5.03 24.99 -27.54
C VAL B 35 -5.45 25.99 -26.47
N GLN B 36 -6.74 26.35 -26.43
CA GLN B 36 -7.18 27.37 -25.48
C GLN B 36 -6.89 26.97 -24.03
N SER B 37 -6.85 25.67 -23.75
CA SER B 37 -6.60 25.19 -22.39
C SER B 37 -5.12 25.12 -22.04
N HIS B 38 -4.23 25.42 -22.99
CA HIS B 38 -2.78 25.42 -22.75
C HIS B 38 -2.25 26.73 -23.33
N SER B 39 -2.25 27.76 -22.49
CA SER B 39 -1.95 29.13 -22.92
C SER B 39 -0.61 29.24 -23.63
N PHE B 40 0.34 28.34 -23.33
CA PHE B 40 1.69 28.51 -23.85
C PHE B 40 1.87 27.93 -25.24
N ILE B 41 0.83 27.37 -25.83
CA ILE B 41 0.96 26.71 -27.13
C ILE B 41 0.74 27.74 -28.23
N LYS B 42 1.81 28.02 -28.99
CA LYS B 42 1.73 28.97 -30.09
C LYS B 42 1.69 28.30 -31.46
N SER B 43 1.80 26.98 -31.53
CA SER B 43 1.88 26.36 -32.84
C SER B 43 1.51 24.90 -32.74
N LEU B 44 1.09 24.36 -33.88
CA LEU B 44 0.82 22.94 -34.02
C LEU B 44 1.61 22.42 -35.22
N VAL B 45 2.24 21.28 -35.02
CA VAL B 45 3.21 20.74 -35.96
C VAL B 45 2.73 19.38 -36.43
N LEU B 46 2.72 19.18 -37.76
CA LEU B 46 2.29 17.91 -38.33
C LEU B 46 3.08 17.62 -39.60
N GLY B 47 3.59 16.39 -39.71
CA GLY B 47 4.20 15.98 -40.96
C GLY B 47 3.14 15.75 -42.01
N ILE B 48 3.40 16.23 -43.23
CA ILE B 48 2.43 16.10 -44.31
C ILE B 48 2.99 15.15 -45.35
N SER B 49 2.60 13.89 -45.24
CA SER B 49 2.82 12.99 -46.34
C SER B 49 1.59 13.11 -47.23
N GLY B 50 1.68 12.60 -48.43
CA GLY B 50 0.54 12.67 -49.31
C GLY B 50 -0.60 11.75 -48.88
N GLY B 51 -0.50 11.16 -47.70
CA GLY B 51 -1.47 10.17 -47.30
C GLY B 51 -2.75 10.75 -46.69
N GLN B 52 -3.76 9.89 -46.69
CA GLN B 52 -5.11 10.30 -46.33
C GLN B 52 -5.17 10.77 -44.89
N ASP B 53 -4.43 10.11 -44.00
CA ASP B 53 -4.51 10.42 -42.57
C ASP B 53 -3.95 11.82 -42.28
N SER B 54 -2.71 12.08 -42.68
CA SER B 54 -2.13 13.41 -42.41
C SER B 54 -2.83 14.51 -43.20
N THR B 55 -3.41 14.19 -44.36
CA THR B 55 -4.17 15.19 -45.10
C THR B 55 -5.37 15.65 -44.31
N LEU B 56 -6.14 14.69 -43.79
CA LEU B 56 -7.32 15.02 -42.98
C LEU B 56 -6.91 15.79 -41.72
N VAL B 57 -5.87 15.32 -41.01
CA VAL B 57 -5.47 16.01 -39.79
C VAL B 57 -4.90 17.39 -40.10
N GLY B 58 -4.07 17.49 -41.13
CA GLY B 58 -3.58 18.81 -41.54
C GLY B 58 -4.72 19.77 -41.84
N LYS B 59 -5.69 19.30 -42.64
CA LYS B 59 -6.84 20.14 -42.96
C LYS B 59 -7.62 20.48 -41.70
N LEU B 60 -7.83 19.50 -40.82
CA LEU B 60 -8.51 19.78 -39.56
C LEU B 60 -7.71 20.78 -38.72
N VAL B 61 -6.39 20.66 -38.69
CA VAL B 61 -5.65 21.57 -37.83
C VAL B 61 -5.71 22.99 -38.38
N GLN B 62 -5.58 23.16 -39.70
CA GLN B 62 -5.58 24.49 -40.28
C GLN B 62 -6.91 25.19 -40.04
N MET B 63 -8.01 24.48 -40.28
CA MET B 63 -9.32 25.05 -40.01
C MET B 63 -9.48 25.43 -38.54
N SER B 64 -8.84 24.68 -37.65
CA SER B 64 -8.92 24.99 -36.22
C SER B 64 -8.12 26.23 -35.86
N VAL B 65 -6.97 26.40 -36.50
CA VAL B 65 -6.17 27.58 -36.21
C VAL B 65 -6.79 28.79 -36.88
N ASN B 66 -7.37 28.61 -38.08
CA ASN B 66 -8.12 29.69 -38.70
C ASN B 66 -9.15 30.25 -37.75
N GLU B 67 -9.93 29.37 -37.12
CA GLU B 67 -10.98 29.85 -36.24
C GLU B 67 -10.42 30.35 -34.91
N LEU B 68 -9.25 29.84 -34.50
CA LEU B 68 -8.68 30.31 -33.24
C LEU B 68 -8.31 31.78 -33.33
N ARG B 69 -7.68 32.19 -34.44
CA ARG B 69 -7.28 33.58 -34.56
C ARG B 69 -8.47 34.51 -34.78
N GLU B 70 -9.59 33.99 -35.29
CA GLU B 70 -10.79 34.81 -35.38
C GLU B 70 -11.37 35.10 -34.01
N GLU B 71 -11.01 34.30 -33.01
CA GLU B 71 -11.40 34.52 -31.63
C GLU B 71 -10.34 35.26 -30.83
N GLY B 72 -9.26 35.69 -31.47
CA GLY B 72 -8.24 36.46 -30.78
C GLY B 72 -7.14 35.63 -30.17
N ILE B 73 -6.95 34.39 -30.61
CA ILE B 73 -5.90 33.51 -30.10
C ILE B 73 -4.82 33.39 -31.17
N ASP B 74 -3.59 33.69 -30.81
CA ASP B 74 -2.47 33.57 -31.73
C ASP B 74 -1.93 32.14 -31.74
N CYS B 75 -2.10 31.46 -32.89
CA CYS B 75 -1.61 30.10 -33.07
C CYS B 75 -1.27 29.92 -34.54
N THR B 76 -0.32 29.03 -34.84
CA THR B 76 0.13 28.83 -36.20
C THR B 76 0.19 27.35 -36.52
N PHE B 77 -0.15 27.01 -37.76
CA PHE B 77 -0.02 25.64 -38.24
C PHE B 77 1.26 25.54 -39.07
N ILE B 78 2.12 24.60 -38.69
CA ILE B 78 3.42 24.39 -39.32
C ILE B 78 3.37 22.98 -39.90
N ALA B 79 3.15 22.89 -41.21
CA ALA B 79 3.24 21.63 -41.91
C ALA B 79 4.70 21.30 -42.19
N VAL B 80 5.04 20.02 -42.11
CA VAL B 80 6.41 19.58 -42.30
C VAL B 80 6.44 18.58 -43.45
N LYS B 81 7.24 18.87 -44.45
CA LYS B 81 7.60 17.91 -45.47
C LYS B 81 8.83 17.16 -44.95
N LEU B 82 8.78 15.82 -45.00
CA LEU B 82 9.80 14.98 -44.38
C LEU B 82 10.31 13.93 -45.36
N PRO B 83 10.85 14.36 -46.50
CA PRO B 83 11.30 13.37 -47.50
C PRO B 83 12.56 12.67 -47.04
N TYR B 84 12.68 11.41 -47.44
CA TYR B 84 13.89 10.62 -47.29
C TYR B 84 14.62 10.58 -48.64
N GLY B 85 15.69 11.35 -48.75
CA GLY B 85 16.43 11.41 -49.99
C GLY B 85 15.75 12.29 -51.02
N VAL B 86 16.05 12.07 -52.29
CA VAL B 86 15.43 12.83 -53.37
C VAL B 86 14.27 12.01 -53.93
N GLN B 87 13.06 12.56 -53.81
CA GLN B 87 11.88 12.13 -54.55
C GLN B 87 10.72 13.04 -54.20
N ASP B 89 7.18 12.63 -58.28
CA ASP B 89 8.20 13.19 -57.41
C ASP B 89 7.55 13.84 -56.18
N ALA B 90 6.89 13.01 -55.38
CA ALA B 90 6.31 13.38 -54.09
C ALA B 90 5.18 14.39 -54.22
N ASP B 91 4.55 14.49 -55.38
CA ASP B 91 3.53 15.51 -55.61
C ASP B 91 2.16 15.16 -55.05
N GLU B 92 2.00 14.00 -54.40
CA GLU B 92 0.82 13.86 -53.56
C GLU B 92 0.97 14.73 -52.33
N VAL B 93 2.22 14.87 -51.85
CA VAL B 93 2.54 15.84 -50.80
C VAL B 93 2.15 17.23 -51.27
N GLU B 94 2.46 17.54 -52.53
CA GLU B 94 2.11 18.85 -53.07
C GLU B 94 0.59 19.04 -53.18
N GLN B 95 -0.15 18.00 -53.60
CA GLN B 95 -1.61 18.13 -53.68
C GLN B 95 -2.22 18.32 -52.30
N ALA B 96 -1.74 17.55 -51.32
CA ALA B 96 -2.22 17.70 -49.95
C ALA B 96 -1.94 19.10 -49.43
N LEU B 97 -0.72 19.59 -49.63
CA LEU B 97 -0.38 20.92 -49.14
C LEU B 97 -1.27 21.97 -49.78
N ARG B 98 -1.57 21.81 -51.07
CA ARG B 98 -2.42 22.73 -51.80
C ARG B 98 -3.84 22.77 -51.24
N PHE B 99 -4.37 21.62 -50.81
CA PHE B 99 -5.72 21.58 -50.26
C PHE B 99 -5.75 22.10 -48.81
N ILE B 100 -4.70 21.82 -48.03
CA ILE B 100 -4.69 22.29 -46.65
C ILE B 100 -4.41 23.79 -46.58
N GLU B 101 -3.49 24.28 -47.43
CA GLU B 101 -2.97 25.65 -47.40
C GLU B 101 -2.45 25.98 -46.01
N PRO B 102 -1.38 25.34 -45.55
CA PRO B 102 -0.90 25.62 -44.20
C PRO B 102 -0.28 26.98 -44.09
N ASP B 103 -0.32 27.54 -42.87
CA ASP B 103 0.33 28.82 -42.61
C ASP B 103 1.81 28.80 -42.98
N GLU B 104 2.51 27.72 -42.62
CA GLU B 104 3.94 27.60 -42.89
C GLU B 104 4.25 26.16 -43.26
N ILE B 105 5.22 26.01 -44.16
CA ILE B 105 5.74 24.72 -44.56
C ILE B 105 7.24 24.72 -44.30
N VAL B 106 7.72 23.74 -43.52
CA VAL B 106 9.14 23.52 -43.29
C VAL B 106 9.54 22.20 -43.93
N THR B 107 10.67 22.21 -44.63
CA THR B 107 11.17 21.01 -45.28
C THR B 107 12.49 20.57 -44.64
N VAL B 108 12.50 19.33 -44.16
CA VAL B 108 13.68 18.71 -43.56
C VAL B 108 13.86 17.35 -44.20
N ASN B 109 14.91 17.18 -45.01
CA ASN B 109 15.24 15.89 -45.57
C ASN B 109 15.93 15.04 -44.50
N ILE B 110 15.33 13.88 -44.17
CA ILE B 110 15.83 13.09 -43.04
C ILE B 110 16.94 12.14 -43.43
N LYS B 111 17.26 12.02 -44.71
CA LYS B 111 18.29 11.06 -45.12
C LYS B 111 19.63 11.33 -44.44
N PRO B 112 20.15 12.55 -44.35
CA PRO B 112 21.46 12.73 -43.72
C PRO B 112 21.49 12.26 -42.26
N ALA B 113 20.44 12.54 -41.49
CA ALA B 113 20.46 12.06 -40.11
C ALA B 113 20.28 10.55 -40.06
N VAL B 114 19.34 10.00 -40.86
CA VAL B 114 19.08 8.56 -40.85
C VAL B 114 20.33 7.80 -41.27
N ASP B 115 20.96 8.21 -42.37
CA ASP B 115 22.16 7.51 -42.81
C ASP B 115 23.27 7.61 -41.79
N GLN B 116 23.33 8.70 -41.02
CA GLN B 116 24.35 8.79 -39.98
C GLN B 116 24.06 7.80 -38.85
N SER B 117 22.78 7.64 -38.48
CA SER B 117 22.43 6.60 -37.53
C SER B 117 22.84 5.21 -38.03
N VAL B 118 22.56 4.92 -39.31
CA VAL B 118 22.89 3.61 -39.86
C VAL B 118 24.40 3.39 -39.87
N GLN B 119 25.15 4.41 -40.25
CA GLN B 119 26.61 4.32 -40.32
C GLN B 119 27.23 4.13 -38.93
N SER B 120 26.78 4.91 -37.94
CA SER B 120 27.32 4.79 -36.58
C SER B 120 27.12 3.40 -36.03
N LEU B 121 25.93 2.82 -36.28
CA LEU B 121 25.64 1.46 -35.85
C LEU B 121 26.49 0.44 -36.59
N LYS B 122 26.72 0.64 -37.89
CA LYS B 122 27.53 -0.30 -38.66
C LYS B 122 28.95 -0.37 -38.14
N GLU B 123 29.49 0.75 -37.67
CA GLU B 123 30.82 0.78 -37.05
C GLU B 123 30.82 0.04 -35.72
N ALA B 124 29.72 0.09 -34.98
CA ALA B 124 29.62 -0.71 -33.77
C ALA B 124 29.35 -2.19 -34.05
N GLY B 125 29.30 -2.58 -35.32
CA GLY B 125 29.10 -3.97 -35.70
C GLY B 125 27.67 -4.39 -35.99
N ILE B 126 26.75 -3.44 -36.10
CA ILE B 126 25.32 -3.71 -36.26
C ILE B 126 24.92 -3.28 -37.67
N VAL B 127 24.70 -4.26 -38.55
CA VAL B 127 24.29 -4.00 -39.93
C VAL B 127 22.76 -4.08 -39.97
N LEU B 128 22.10 -2.95 -40.20
CA LEU B 128 20.64 -2.92 -40.17
C LEU B 128 20.02 -3.52 -41.42
N THR B 129 18.88 -4.17 -41.23
CA THR B 129 18.06 -4.57 -42.35
C THR B 129 17.31 -3.36 -42.90
N ASP B 130 16.68 -3.57 -44.06
CA ASP B 130 15.94 -2.48 -44.65
C ASP B 130 14.71 -2.14 -43.82
N PHE B 131 14.07 -3.15 -43.24
CA PHE B 131 13.00 -2.88 -42.31
C PHE B 131 13.51 -2.08 -41.12
N GLN B 132 14.67 -2.47 -40.59
CA GLN B 132 15.28 -1.74 -39.48
C GLN B 132 15.59 -0.30 -39.87
N LYS B 133 16.06 -0.08 -41.11
CA LYS B 133 16.26 1.28 -41.60
C LYS B 133 14.94 2.04 -41.67
N GLY B 134 13.85 1.37 -42.07
CA GLY B 134 12.58 2.04 -42.13
C GLY B 134 12.08 2.51 -40.78
N ASN B 135 12.37 1.75 -39.72
CA ASN B 135 12.02 2.17 -38.37
C ASN B 135 12.80 3.41 -37.97
N GLU B 136 14.07 3.48 -38.38
CA GLU B 136 14.89 4.64 -38.08
C GLU B 136 14.34 5.89 -38.75
N LYS B 137 13.92 5.77 -40.03
CA LYS B 137 13.27 6.89 -40.72
C LYS B 137 12.08 7.40 -39.94
N ALA B 138 11.20 6.50 -39.51
CA ALA B 138 10.01 6.91 -38.79
C ALA B 138 10.36 7.57 -37.47
N ARG B 139 11.37 7.05 -36.76
CA ARG B 139 11.78 7.67 -35.50
C ARG B 139 12.48 9.01 -35.75
N GLU B 140 13.20 9.13 -36.86
CA GLU B 140 13.76 10.44 -37.20
C GLU B 140 12.66 11.43 -37.56
N ARG B 141 11.63 10.99 -38.29
CA ARG B 141 10.51 11.89 -38.57
C ARG B 141 9.88 12.39 -37.27
N MET B 142 9.76 11.49 -36.27
CA MET B 142 9.30 11.92 -34.95
C MET B 142 10.24 12.98 -34.35
N LYS B 143 11.54 12.75 -34.44
CA LYS B 143 12.49 13.70 -33.86
C LYS B 143 12.35 15.09 -34.51
N VAL B 144 12.19 15.13 -35.83
CA VAL B 144 12.06 16.41 -36.51
C VAL B 144 10.83 17.15 -36.02
N GLN B 145 9.69 16.45 -35.93
CA GLN B 145 8.45 17.11 -35.54
C GLN B 145 8.53 17.64 -34.11
N PHE B 146 9.11 16.86 -33.21
CA PHE B 146 9.17 17.33 -31.82
C PHE B 146 10.18 18.48 -31.67
N SER B 147 11.22 18.52 -32.50
CA SER B 147 12.19 19.62 -32.41
C SER B 147 11.59 20.92 -32.91
N ILE B 148 10.77 20.85 -33.96
CA ILE B 148 10.12 22.07 -34.43
C ILE B 148 9.09 22.55 -33.42
N ALA B 149 8.31 21.62 -32.85
CA ALA B 149 7.31 21.99 -31.85
C ALA B 149 7.96 22.66 -30.65
N SER B 150 9.06 22.10 -30.15
CA SER B 150 9.78 22.71 -29.03
C SER B 150 10.30 24.09 -29.41
N ASN B 151 10.87 24.20 -30.60
CA ASN B 151 11.50 25.44 -31.02
C ASN B 151 10.47 26.53 -31.23
N ARG B 152 9.25 26.16 -31.63
CA ARG B 152 8.20 27.15 -31.88
C ARG B 152 7.16 27.20 -30.77
N GLN B 153 7.46 26.62 -29.61
CA GLN B 153 6.58 26.64 -28.46
C GLN B 153 5.21 26.04 -28.78
N GLY B 154 5.22 24.90 -29.47
CA GLY B 154 3.99 24.27 -29.87
C GLY B 154 3.93 22.82 -29.50
N ILE B 155 2.97 22.08 -30.07
CA ILE B 155 2.81 20.66 -29.85
C ILE B 155 2.75 19.93 -31.18
N VAL B 156 3.02 18.63 -31.10
CA VAL B 156 2.95 17.74 -32.25
C VAL B 156 1.56 17.11 -32.31
N VAL B 157 0.91 17.24 -33.47
CA VAL B 157 -0.42 16.68 -33.69
C VAL B 157 -0.25 15.35 -34.43
N GLY B 158 -0.86 14.29 -33.89
CA GLY B 158 -0.72 12.98 -34.46
C GLY B 158 -1.84 12.58 -35.40
N THR B 159 -1.55 11.55 -36.21
CA THR B 159 -2.47 11.03 -37.20
C THR B 159 -3.01 9.65 -36.85
N ASP B 160 -2.71 9.13 -35.66
CA ASP B 160 -3.21 7.81 -35.32
C ASP B 160 -4.74 7.81 -35.33
N HIS B 161 -5.32 6.76 -35.88
CA HIS B 161 -6.75 6.54 -35.77
C HIS B 161 -6.96 5.07 -35.45
N SER B 162 -8.23 4.69 -35.28
CA SER B 162 -8.62 3.34 -34.80
C SER B 162 -8.29 2.19 -35.76
N ALA B 163 -8.19 2.45 -37.07
CA ALA B 163 -7.91 1.31 -37.98
C ALA B 163 -6.39 1.15 -38.20
N GLU B 164 -5.57 2.06 -37.66
CA GLU B 164 -4.10 2.01 -37.88
C GLU B 164 -3.46 0.87 -37.08
N ASN B 165 -4.08 0.45 -35.98
CA ASN B 165 -3.52 -0.64 -35.13
C ASN B 165 -3.47 -1.96 -35.93
N ILE B 166 -4.33 -2.08 -36.93
CA ILE B 166 -4.47 -3.33 -37.74
C ILE B 166 -3.97 -3.10 -39.18
N THR B 167 -3.19 -4.05 -39.72
CA THR B 167 -2.62 -4.08 -41.10
C THR B 167 -1.49 -3.06 -41.33
N GLY B 168 -1.74 -1.77 -41.09
CA GLY B 168 -0.79 -0.69 -41.36
C GLY B 168 0.54 -0.81 -40.62
N PHE B 169 1.64 -0.61 -41.37
CA PHE B 169 3.00 -0.58 -40.81
C PHE B 169 3.01 0.59 -39.82
N TYR B 170 3.53 0.35 -38.62
CA TYR B 170 3.50 1.34 -37.55
C TYR B 170 4.77 1.15 -36.73
N THR B 171 5.55 2.21 -36.58
CA THR B 171 6.79 2.15 -35.80
C THR B 171 6.59 2.70 -34.40
N LYS B 172 6.88 1.88 -33.40
CA LYS B 172 6.83 2.33 -32.01
C LYS B 172 7.82 3.47 -31.79
N TYR B 173 7.33 4.57 -31.21
CA TYR B 173 8.06 5.80 -30.95
C TYR B 173 8.45 6.53 -32.23
N GLY B 174 7.87 6.13 -33.36
CA GLY B 174 7.94 6.84 -34.62
C GLY B 174 6.53 7.37 -34.85
N ASP B 175 5.72 6.54 -35.51
CA ASP B 175 4.31 6.83 -35.70
C ASP B 175 3.59 6.87 -34.35
N GLY B 176 2.47 7.59 -34.31
CA GLY B 176 1.68 7.70 -33.09
C GLY B 176 2.30 8.51 -31.97
N ALA B 177 3.59 8.83 -32.04
CA ALA B 177 4.22 9.64 -31.00
C ALA B 177 3.82 11.10 -31.24
N ALA B 178 2.97 11.62 -30.40
CA ALA B 178 2.46 12.97 -30.59
C ALA B 178 1.98 13.45 -29.24
N ASP B 179 1.55 14.71 -29.20
CA ASP B 179 0.96 15.26 -27.99
C ASP B 179 -0.56 15.11 -27.97
N ILE B 180 -1.21 15.21 -29.13
CA ILE B 180 -2.64 14.94 -29.24
C ILE B 180 -2.86 14.14 -30.51
N ALA B 181 -3.92 13.32 -30.49
CA ALA B 181 -4.27 12.44 -31.61
C ALA B 181 -5.76 12.63 -31.91
N PRO B 182 -6.09 13.66 -32.67
CA PRO B 182 -7.51 14.03 -32.77
C PRO B 182 -8.41 13.03 -33.50
N ILE B 183 -7.93 12.32 -34.53
CA ILE B 183 -8.85 11.47 -35.27
C ILE B 183 -8.81 10.04 -34.74
N PHE B 184 -8.26 9.85 -33.55
CA PHE B 184 -8.44 8.56 -32.88
C PHE B 184 -9.92 8.37 -32.58
N GLY B 185 -10.45 7.19 -32.92
CA GLY B 185 -11.87 6.93 -32.85
C GLY B 185 -12.51 6.81 -34.21
N LEU B 186 -11.94 7.46 -35.22
CA LEU B 186 -12.37 7.25 -36.59
C LEU B 186 -11.77 5.97 -37.17
N ASN B 187 -12.50 5.30 -38.04
CA ASN B 187 -11.86 4.29 -38.84
C ASN B 187 -11.47 4.89 -40.20
N LYS B 188 -10.98 4.05 -41.10
CA LYS B 188 -10.42 4.53 -42.37
C LYS B 188 -11.51 5.11 -43.27
N ARG B 189 -12.61 4.36 -43.46
CA ARG B 189 -13.68 4.80 -44.33
C ARG B 189 -14.31 6.09 -43.83
N GLN B 190 -14.36 6.30 -42.52
CA GLN B 190 -14.90 7.56 -41.99
C GLN B 190 -13.96 8.71 -42.29
N GLY B 191 -12.64 8.45 -42.25
CA GLY B 191 -11.70 9.44 -42.73
C GLY B 191 -11.98 9.84 -44.16
N ARG B 192 -12.27 8.86 -45.02
CA ARG B 192 -12.61 9.18 -46.41
C ARG B 192 -13.86 10.03 -46.46
N GLN B 193 -14.87 9.67 -45.65
CA GLN B 193 -16.11 10.42 -45.61
C GLN B 193 -15.84 11.89 -45.30
N LEU B 194 -14.99 12.17 -44.30
CA LEU B 194 -14.69 13.57 -43.96
C LEU B 194 -13.91 14.27 -45.07
N LEU B 195 -12.95 13.58 -45.67
CA LEU B 195 -12.17 14.19 -46.74
C LEU B 195 -13.05 14.54 -47.94
N ALA B 196 -13.89 13.59 -48.36
CA ALA B 196 -14.79 13.84 -49.50
C ALA B 196 -15.77 14.97 -49.20
N TYR B 197 -16.31 15.00 -47.98
CA TYR B 197 -17.17 16.10 -47.58
C TYR B 197 -16.41 17.44 -47.57
N LEU B 198 -15.13 17.43 -47.25
CA LEU B 198 -14.37 18.67 -47.23
C LEU B 198 -13.90 19.09 -48.63
N GLY B 199 -14.21 18.30 -49.65
CA GLY B 199 -13.85 18.65 -51.00
C GLY B 199 -12.43 18.32 -51.38
N ALA B 200 -11.77 17.44 -50.64
CA ALA B 200 -10.44 17.02 -51.03
C ALA B 200 -10.49 16.42 -52.43
N PRO B 201 -9.48 16.65 -53.26
CA PRO B 201 -9.45 15.98 -54.56
C PRO B 201 -9.40 14.46 -54.39
N LYS B 202 -9.89 13.77 -55.42
CA LYS B 202 -10.07 12.32 -55.37
C LYS B 202 -8.79 11.60 -54.98
N GLU B 203 -7.70 11.85 -55.70
CA GLU B 203 -6.35 11.39 -55.42
C GLU B 203 -5.98 11.30 -53.94
N LEU B 204 -6.27 12.33 -53.16
CA LEU B 204 -5.90 12.24 -51.76
C LEU B 204 -6.81 11.31 -50.97
N TYR B 205 -7.88 10.83 -51.62
CA TYR B 205 -8.98 10.03 -51.04
C TYR B 205 -9.81 10.82 -50.02
N LEU B 226 -0.51 -8.39 -46.11
CA LEU B 226 -1.69 -8.45 -45.22
C LEU B 226 -2.65 -9.55 -45.70
N GLY B 227 -3.68 -9.85 -44.91
CA GLY B 227 -4.62 -10.92 -45.20
C GLY B 227 -6.08 -10.54 -45.04
N VAL B 228 -6.38 -9.25 -45.03
CA VAL B 228 -7.73 -8.74 -44.82
C VAL B 228 -7.82 -7.37 -45.47
N THR B 229 -9.00 -7.04 -45.99
CA THR B 229 -9.19 -5.72 -46.59
C THR B 229 -9.45 -4.66 -45.53
N TYR B 230 -9.24 -3.39 -45.90
CA TYR B 230 -9.57 -2.30 -44.99
C TYR B 230 -11.07 -2.22 -44.75
N GLU B 231 -11.87 -2.68 -45.71
CA GLU B 231 -13.32 -2.66 -45.50
C GLU B 231 -13.71 -3.64 -44.39
N ALA B 232 -13.08 -4.80 -44.32
CA ALA B 232 -13.40 -5.72 -43.24
C ALA B 232 -12.92 -5.17 -41.90
N ILE B 233 -11.76 -4.52 -41.90
CA ILE B 233 -11.31 -3.86 -40.68
C ILE B 233 -12.36 -2.85 -40.22
N ASP B 234 -12.77 -1.96 -41.13
CA ASP B 234 -13.73 -0.92 -40.75
C ASP B 234 -15.05 -1.51 -40.27
N ASN B 235 -15.56 -2.53 -40.97
CA ASN B 235 -16.79 -3.17 -40.50
C ASN B 235 -16.62 -3.73 -39.09
N TYR B 236 -15.50 -4.40 -38.84
CA TYR B 236 -15.25 -4.99 -37.54
C TYR B 236 -15.24 -3.93 -36.45
N LEU B 237 -14.57 -2.81 -36.71
CA LEU B 237 -14.52 -1.72 -35.74
C LEU B 237 -15.89 -1.08 -35.55
N GLU B 238 -16.74 -1.08 -36.57
CA GLU B 238 -18.09 -0.57 -36.42
C GLU B 238 -19.03 -1.55 -35.74
N GLY B 239 -18.53 -2.69 -35.26
CA GLY B 239 -19.36 -3.70 -34.65
C GLY B 239 -20.17 -4.55 -35.60
N LYS B 240 -19.87 -4.53 -36.88
CA LYS B 240 -20.55 -5.35 -37.88
C LYS B 240 -19.93 -6.74 -37.94
N PRO B 241 -20.67 -7.74 -38.40
CA PRO B 241 -20.07 -9.07 -38.60
C PRO B 241 -19.19 -9.14 -39.83
N VAL B 242 -18.09 -9.88 -39.67
CA VAL B 242 -17.16 -10.24 -40.73
C VAL B 242 -16.98 -11.76 -40.69
N THR B 243 -16.36 -12.32 -41.73
CA THR B 243 -16.20 -13.77 -41.80
C THR B 243 -15.32 -14.26 -40.64
N PRO B 244 -15.47 -15.53 -40.27
CA PRO B 244 -14.55 -16.09 -39.26
C PRO B 244 -13.10 -15.86 -39.63
N GLU B 245 -12.76 -16.00 -40.90
CA GLU B 245 -11.37 -15.80 -41.32
C GLU B 245 -10.96 -14.34 -41.19
N GLU B 246 -11.84 -13.41 -41.59
CA GLU B 246 -11.51 -11.99 -41.43
C GLU B 246 -11.36 -11.65 -39.95
N GLN B 247 -12.25 -12.18 -39.12
CA GLN B 247 -12.16 -11.94 -37.69
C GLN B 247 -10.85 -12.47 -37.12
N LYS B 248 -10.41 -13.65 -37.56
CA LYS B 248 -9.19 -14.21 -37.01
C LYS B 248 -7.98 -13.40 -37.43
N VAL B 249 -7.93 -12.95 -38.68
CA VAL B 249 -6.78 -12.16 -39.14
C VAL B 249 -6.75 -10.82 -38.39
N ILE B 250 -7.90 -10.16 -38.28
CA ILE B 250 -7.97 -8.84 -37.65
C ILE B 250 -7.59 -8.92 -36.17
N GLU B 251 -8.17 -9.89 -35.47
CA GLU B 251 -7.94 -10.00 -34.04
C GLU B 251 -6.50 -10.37 -33.72
N ASN B 252 -5.89 -11.22 -34.55
CA ASN B 252 -4.49 -11.59 -34.32
C ASN B 252 -3.56 -10.40 -34.53
N HIS B 253 -3.84 -9.59 -35.56
CA HIS B 253 -3.03 -8.39 -35.79
C HIS B 253 -3.23 -7.38 -34.67
N TYR B 254 -4.46 -7.28 -34.17
CA TYR B 254 -4.72 -6.32 -33.11
C TYR B 254 -3.92 -6.62 -31.85
N ILE B 255 -3.95 -7.88 -31.40
CA ILE B 255 -3.32 -8.23 -30.13
C ILE B 255 -1.80 -8.18 -30.23
N ARG B 256 -1.28 -8.55 -31.39
CA ARG B 256 0.20 -8.59 -31.60
C ARG B 256 0.78 -7.19 -31.79
N ASN B 257 -0.06 -6.20 -32.12
CA ASN B 257 0.47 -4.83 -32.35
C ASN B 257 0.09 -3.91 -31.18
N ALA B 258 -0.52 -4.45 -30.13
CA ALA B 258 -0.96 -3.65 -28.96
C ALA B 258 0.22 -2.92 -28.30
N HIS B 259 1.38 -3.58 -28.19
CA HIS B 259 2.57 -2.99 -27.51
C HIS B 259 3.10 -1.78 -28.29
N LYS B 260 2.89 -1.75 -29.60
CA LYS B 260 3.40 -0.62 -30.44
C LYS B 260 2.73 0.69 -30.02
N ARG B 261 1.44 0.65 -29.69
CA ARG B 261 0.71 1.88 -29.29
C ARG B 261 0.81 2.06 -27.76
N GLU B 262 0.64 0.97 -27.02
CA GLU B 262 0.68 0.97 -25.53
C GLU B 262 2.05 1.41 -24.99
N LEU B 263 2.07 1.91 -23.75
CA LEU B 263 3.34 2.36 -23.12
C LEU B 263 4.11 1.15 -22.58
N ALA B 264 5.40 1.35 -22.27
CA ALA B 264 6.29 0.28 -21.75
C ALA B 264 5.59 -0.52 -20.65
N TYR B 265 5.59 -1.85 -20.78
CA TYR B 265 4.91 -2.69 -19.80
C TYR B 265 5.66 -2.69 -18.47
N THR B 266 4.90 -2.60 -17.39
CA THR B 266 5.43 -2.66 -16.03
C THR B 266 4.85 -3.86 -15.33
N ARG B 267 5.23 -4.02 -14.05
CA ARG B 267 4.63 -5.03 -13.21
C ARG B 267 3.13 -4.84 -13.06
N TYR B 268 2.63 -3.64 -13.37
CA TYR B 268 1.22 -3.34 -13.12
C TYR B 268 0.38 -3.36 -14.39
N THR B 269 0.97 -3.27 -15.57
CA THR B 269 0.26 -3.42 -16.83
C THR B 269 0.53 -4.77 -17.51
N TRP B 270 0.81 -5.82 -16.74
CA TRP B 270 1.13 -7.11 -17.36
C TRP B 270 0.15 -8.21 -16.95
N SER C 2 -32.03 -27.43 28.94
CA SER C 2 -30.72 -27.23 29.58
C SER C 2 -30.75 -26.06 30.58
N LYS C 3 -29.88 -26.12 31.61
CA LYS C 3 -29.65 -24.93 32.42
C LYS C 3 -28.41 -24.16 32.00
N LEU C 4 -27.61 -24.67 31.06
CA LEU C 4 -26.46 -23.90 30.59
C LEU C 4 -26.91 -22.77 29.67
N GLN C 5 -28.03 -22.95 28.98
CA GLN C 5 -28.57 -21.83 28.20
C GLN C 5 -29.02 -20.71 29.12
N ASP C 6 -29.65 -21.05 30.25
CA ASP C 6 -30.04 -20.03 31.22
C ASP C 6 -28.82 -19.33 31.80
N VAL C 7 -27.74 -20.07 32.02
CA VAL C 7 -26.50 -19.45 32.50
C VAL C 7 -26.00 -18.46 31.44
N ILE C 8 -25.91 -18.91 30.18
CA ILE C 8 -25.35 -18.08 29.13
C ILE C 8 -26.28 -16.89 28.85
N VAL C 9 -27.58 -17.14 28.71
CA VAL C 9 -28.54 -16.08 28.45
C VAL C 9 -28.44 -14.99 29.51
N GLN C 10 -28.39 -15.38 30.77
CA GLN C 10 -28.35 -14.40 31.85
C GLN C 10 -27.04 -13.62 31.86
N GLU C 11 -25.95 -14.25 31.45
CA GLU C 11 -24.68 -13.53 31.45
C GLU C 11 -24.56 -12.59 30.25
N MET C 12 -25.16 -12.95 29.11
CA MET C 12 -25.04 -12.10 27.93
C MET C 12 -26.09 -10.99 27.87
N LYS C 13 -27.08 -10.97 28.76
CA LYS C 13 -27.96 -9.82 28.96
C LYS C 13 -28.78 -9.45 27.71
N VAL C 14 -28.94 -10.35 26.75
CA VAL C 14 -29.68 -10.01 25.55
C VAL C 14 -31.17 -10.03 25.88
N LYS C 15 -31.88 -8.99 25.47
CA LYS C 15 -33.32 -8.92 25.67
C LYS C 15 -34.02 -9.71 24.57
N LYS C 16 -35.16 -10.30 24.93
CA LYS C 16 -35.93 -11.07 23.97
C LYS C 16 -36.35 -10.21 22.79
N ARG C 17 -36.68 -8.95 23.05
CA ARG C 17 -36.97 -7.99 22.00
C ARG C 17 -36.63 -6.60 22.51
N ILE C 18 -36.38 -5.69 21.58
CA ILE C 18 -36.10 -4.30 21.92
C ILE C 18 -36.95 -3.38 21.06
N ASP C 19 -37.43 -2.32 21.68
CA ASP C 19 -37.95 -1.19 20.94
C ASP C 19 -36.77 -0.37 20.43
N SER C 20 -36.76 -0.11 19.13
CA SER C 20 -35.60 0.49 18.48
C SER C 20 -35.26 1.85 19.11
N ALA C 21 -36.23 2.77 19.14
CA ALA C 21 -35.96 4.12 19.65
C ALA C 21 -35.59 4.09 21.12
N GLU C 22 -36.29 3.27 21.90
CA GLU C 22 -35.97 3.08 23.31
C GLU C 22 -34.51 2.64 23.50
N GLU C 23 -34.09 1.62 22.75
CA GLU C 23 -32.75 1.07 22.96
C GLU C 23 -31.68 2.07 22.52
N ILE C 24 -31.88 2.75 21.39
CA ILE C 24 -30.91 3.76 20.97
C ILE C 24 -30.77 4.83 22.05
N MET C 25 -31.89 5.20 22.66
CA MET C 25 -31.87 6.17 23.75
C MET C 25 -31.08 5.68 24.96
N GLU C 26 -31.30 4.43 25.35
CA GLU C 26 -30.59 3.88 26.50
C GLU C 26 -29.10 3.77 26.21
N LEU C 27 -28.75 3.38 24.98
CA LEU C 27 -27.35 3.23 24.64
C LEU C 27 -26.66 4.59 24.63
N LYS C 28 -27.33 5.60 24.09
CA LYS C 28 -26.77 6.94 24.06
C LYS C 28 -26.60 7.51 25.47
N GLN C 29 -27.56 7.23 26.36
CA GLN C 29 -27.45 7.73 27.72
C GLN C 29 -26.26 7.11 28.46
N PHE C 30 -25.98 5.82 28.21
CA PHE C 30 -24.82 5.20 28.83
C PHE C 30 -23.52 5.92 28.40
N ILE C 31 -23.36 6.15 27.10
CA ILE C 31 -22.18 6.86 26.60
C ILE C 31 -22.15 8.29 27.16
N LYS C 32 -23.29 8.98 27.15
CA LYS C 32 -23.29 10.35 27.66
C LYS C 32 -23.04 10.38 29.16
N ASN C 33 -23.60 9.42 29.91
CA ASN C 33 -23.36 9.39 31.35
C ASN C 33 -21.91 9.11 31.68
N TYR C 34 -21.24 8.25 30.89
CA TYR C 34 -19.85 7.96 31.19
C TYR C 34 -18.96 9.17 30.97
N VAL C 35 -19.07 9.81 29.80
CA VAL C 35 -18.33 11.03 29.52
C VAL C 35 -18.60 12.08 30.60
N GLN C 36 -19.88 12.30 30.92
CA GLN C 36 -20.26 13.30 31.92
C GLN C 36 -19.62 13.01 33.28
N SER C 37 -19.38 11.74 33.58
CA SER C 37 -18.81 11.33 34.86
C SER C 37 -17.28 11.35 34.91
N HIS C 38 -16.62 11.68 33.80
CA HIS C 38 -15.14 11.72 33.73
C HIS C 38 -14.74 13.01 33.02
N SER C 39 -14.59 14.08 33.80
CA SER C 39 -14.39 15.43 33.25
C SER C 39 -13.21 15.51 32.29
N PHE C 40 -12.22 14.64 32.43
CA PHE C 40 -11.02 14.77 31.63
C PHE C 40 -11.16 14.14 30.26
N ILE C 41 -12.30 13.53 29.94
CA ILE C 41 -12.48 12.86 28.66
C ILE C 41 -12.87 13.94 27.66
N LYS C 42 -11.98 14.22 26.71
CA LYS C 42 -12.22 15.24 25.69
C LYS C 42 -12.53 14.65 24.34
N SER C 43 -12.43 13.33 24.18
CA SER C 43 -12.66 12.72 22.89
C SER C 43 -13.04 11.26 23.06
N LEU C 44 -13.68 10.73 22.04
CA LEU C 44 -14.03 9.32 21.91
C LEU C 44 -13.46 8.80 20.60
N VAL C 45 -12.87 7.61 20.65
CA VAL C 45 -12.08 7.07 19.55
C VAL C 45 -12.62 5.70 19.14
N LEU C 46 -12.85 5.52 17.85
CA LEU C 46 -13.33 4.23 17.36
C LEU C 46 -12.82 4.04 15.93
N GLY C 47 -12.29 2.86 15.64
CA GLY C 47 -11.97 2.51 14.27
C GLY C 47 -13.24 2.20 13.47
N ILE C 48 -13.28 2.70 12.24
CA ILE C 48 -14.45 2.55 11.36
C ILE C 48 -14.04 1.60 10.25
N SER C 49 -14.38 0.32 10.42
CA SER C 49 -14.07 -0.75 9.48
C SER C 49 -15.05 -0.91 8.34
N GLY C 50 -16.18 -0.23 8.36
CA GLY C 50 -17.21 -0.50 7.38
C GLY C 50 -18.14 -1.65 7.73
N GLY C 51 -17.89 -2.34 8.85
CA GLY C 51 -18.77 -3.39 9.31
C GLY C 51 -19.90 -2.85 10.22
N GLN C 52 -20.90 -3.70 10.43
CA GLN C 52 -22.11 -3.27 11.11
C GLN C 52 -21.85 -2.82 12.54
N ASP C 53 -20.96 -3.50 13.26
CA ASP C 53 -20.79 -3.15 14.67
C ASP C 53 -20.20 -1.76 14.82
N SER C 54 -19.06 -1.50 14.19
CA SER C 54 -18.43 -0.19 14.32
C SER C 54 -19.27 0.90 13.66
N THR C 55 -20.07 0.57 12.65
CA THR C 55 -20.97 1.56 12.08
C THR C 55 -22.01 1.98 13.10
N LEU C 56 -22.66 0.99 13.75
CA LEU C 56 -23.64 1.29 14.78
C LEU C 56 -23.00 2.03 15.95
N VAL C 57 -21.84 1.56 16.41
CA VAL C 57 -21.20 2.20 17.55
C VAL C 57 -20.72 3.61 17.19
N GLY C 58 -20.11 3.78 16.03
CA GLY C 58 -19.74 5.13 15.59
C GLY C 58 -20.93 6.08 15.54
N LYS C 59 -22.05 5.62 14.95
CA LYS C 59 -23.25 6.46 14.85
C LYS C 59 -23.77 6.83 16.22
N LEU C 60 -23.85 5.86 17.13
CA LEU C 60 -24.32 6.12 18.48
C LEU C 60 -23.45 7.15 19.19
N VAL C 61 -22.13 7.05 19.00
CA VAL C 61 -21.19 7.92 19.68
C VAL C 61 -21.31 9.35 19.17
N GLN C 62 -21.41 9.51 17.84
CA GLN C 62 -21.55 10.84 17.28
C GLN C 62 -22.83 11.49 17.76
N MET C 63 -23.95 10.75 17.74
CA MET C 63 -25.18 11.31 18.32
C MET C 63 -24.97 11.68 19.78
N SER C 64 -24.18 10.87 20.50
CA SER C 64 -23.99 11.14 21.92
C SER C 64 -23.19 12.42 22.12
N VAL C 65 -22.19 12.64 21.25
CA VAL C 65 -21.34 13.82 21.33
C VAL C 65 -22.10 15.06 20.83
N ASN C 66 -22.92 14.89 19.80
CA ASN C 66 -23.79 16.00 19.37
C ASN C 66 -24.60 16.53 20.53
N GLU C 67 -25.23 15.63 21.30
CA GLU C 67 -26.07 16.07 22.41
C GLU C 67 -25.25 16.55 23.61
N LEU C 68 -24.04 16.02 23.82
CA LEU C 68 -23.24 16.50 24.94
C LEU C 68 -22.86 17.96 24.74
N ARG C 69 -22.52 18.34 23.51
CA ARG C 69 -22.11 19.71 23.25
C ARG C 69 -23.30 20.66 23.29
N GLU C 70 -24.51 20.17 23.07
CA GLU C 70 -25.67 21.03 23.26
C GLU C 70 -25.95 21.27 24.74
N GLU C 71 -25.48 20.38 25.61
CA GLU C 71 -25.63 20.51 27.04
C GLU C 71 -24.43 21.18 27.69
N GLY C 72 -23.48 21.67 26.89
CA GLY C 72 -22.36 22.41 27.44
C GLY C 72 -21.11 21.61 27.78
N ILE C 73 -20.97 20.40 27.26
CA ILE C 73 -19.81 19.56 27.51
C ILE C 73 -18.97 19.49 26.24
N ASP C 74 -17.69 19.81 26.37
CA ASP C 74 -16.76 19.77 25.24
C ASP C 74 -16.24 18.36 25.02
N CYS C 75 -16.65 17.74 23.91
CA CYS C 75 -16.23 16.40 23.57
C CYS C 75 -16.20 16.27 22.05
N THR C 76 -15.38 15.35 21.57
CA THR C 76 -15.16 15.14 20.15
C THR C 76 -15.19 13.65 19.83
N PHE C 77 -15.76 13.30 18.68
CA PHE C 77 -15.68 11.93 18.18
C PHE C 77 -14.60 11.88 17.10
N ILE C 78 -13.68 10.94 17.24
CA ILE C 78 -12.57 10.79 16.31
C ILE C 78 -12.72 9.41 15.69
N ALA C 79 -13.26 9.37 14.46
CA ALA C 79 -13.30 8.15 13.68
C ALA C 79 -11.93 7.91 13.09
N VAL C 80 -11.50 6.66 13.08
CA VAL C 80 -10.17 6.30 12.60
C VAL C 80 -10.34 5.29 11.48
N LYS C 81 -9.80 5.61 10.32
CA LYS C 81 -9.64 4.63 9.26
C LYS C 81 -8.34 3.89 9.53
N LEU C 82 -8.40 2.56 9.49
CA LEU C 82 -7.28 1.70 9.86
C LEU C 82 -6.99 0.69 8.76
N PRO C 83 -6.67 1.14 7.56
CA PRO C 83 -6.43 0.19 6.46
C PRO C 83 -5.11 -0.57 6.60
N TYR C 84 -5.14 -1.81 6.11
CA TYR C 84 -3.92 -2.63 5.98
C TYR C 84 -3.59 -2.66 4.49
N GLY C 85 -2.70 -1.75 4.08
CA GLY C 85 -2.36 -1.55 2.66
C GLY C 85 -3.41 -0.68 2.00
N VAL C 86 -4.34 -1.29 1.26
CA VAL C 86 -5.46 -0.54 0.63
C VAL C 86 -6.74 -0.95 1.38
N GLN C 87 -7.54 0.03 1.81
CA GLN C 87 -8.78 -0.20 2.61
C GLN C 87 -9.60 -1.35 2.03
N LYS C 88 -9.65 -2.46 2.77
CA LYS C 88 -10.35 -3.71 2.39
C LYS C 88 -11.72 -3.41 1.76
N ASP C 89 -12.67 -2.92 2.57
CA ASP C 89 -14.03 -2.61 2.06
C ASP C 89 -14.19 -1.08 2.04
N ALA C 90 -13.39 -0.40 1.23
CA ALA C 90 -13.37 1.08 1.13
C ALA C 90 -14.77 1.65 0.87
N ASP C 91 -15.56 1.04 0.00
CA ASP C 91 -16.91 1.59 -0.28
C ASP C 91 -17.79 1.50 0.98
N GLU C 92 -17.58 0.47 1.80
CA GLU C 92 -18.37 0.38 3.02
C GLU C 92 -17.84 1.33 4.10
N VAL C 93 -16.51 1.45 4.19
CA VAL C 93 -15.91 2.41 5.10
C VAL C 93 -16.35 3.83 4.75
N GLU C 94 -16.31 4.16 3.45
CA GLU C 94 -16.72 5.51 3.04
C GLU C 94 -18.21 5.73 3.26
N GLN C 95 -19.04 4.71 3.01
CA GLN C 95 -20.48 4.83 3.26
C GLN C 95 -20.79 4.98 4.74
N ALA C 96 -20.11 4.22 5.61
CA ALA C 96 -20.25 4.41 7.05
C ALA C 96 -19.84 5.81 7.47
N LEU C 97 -18.73 6.31 6.91
CA LEU C 97 -18.28 7.64 7.28
C LEU C 97 -19.33 8.67 6.95
N ARG C 98 -19.94 8.56 5.75
CA ARG C 98 -20.99 9.50 5.38
C ARG C 98 -22.21 9.35 6.29
N PHE C 99 -22.48 8.14 6.79
CA PHE C 99 -23.66 7.94 7.63
C PHE C 99 -23.40 8.44 9.05
N ILE C 100 -22.20 8.25 9.57
CA ILE C 100 -21.94 8.73 10.93
C ILE C 100 -21.73 10.24 10.95
N GLU C 101 -21.05 10.78 9.93
CA GLU C 101 -20.57 12.17 9.94
C GLU C 101 -19.75 12.43 11.19
N PRO C 102 -18.57 11.82 11.34
CA PRO C 102 -17.78 12.04 12.55
C PRO C 102 -17.16 13.42 12.59
N ASP C 103 -16.94 13.91 13.83
CA ASP C 103 -16.29 15.21 14.02
C ASP C 103 -14.95 15.28 13.32
N GLU C 104 -14.14 14.23 13.43
CA GLU C 104 -12.81 14.21 12.86
C GLU C 104 -12.54 12.82 12.31
N ILE C 105 -11.81 12.77 11.19
CA ILE C 105 -11.41 11.51 10.59
C ILE C 105 -9.90 11.50 10.48
N VAL C 106 -9.27 10.51 11.12
CA VAL C 106 -7.83 10.27 11.06
C VAL C 106 -7.59 8.93 10.36
N THR C 107 -6.60 8.87 9.50
CA THR C 107 -6.23 7.67 8.77
C THR C 107 -4.85 7.20 9.21
N VAL C 108 -4.75 5.94 9.65
CA VAL C 108 -3.45 5.39 10.02
C VAL C 108 -3.32 4.03 9.34
N ASN C 109 -2.41 3.95 8.37
CA ASN C 109 -2.16 2.70 7.67
C ASN C 109 -1.28 1.81 8.52
N ILE C 110 -1.81 0.66 8.90
CA ILE C 110 -1.14 -0.23 9.83
C ILE C 110 -0.16 -1.17 9.16
N LYS C 111 -0.19 -1.25 7.83
CA LYS C 111 0.66 -2.24 7.12
C LYS C 111 2.13 -2.16 7.56
N PRO C 112 2.81 -0.98 7.54
CA PRO C 112 4.24 -0.95 7.86
C PRO C 112 4.57 -1.43 9.26
N ALA C 113 3.78 -1.07 10.25
CA ALA C 113 4.08 -1.56 11.60
C ALA C 113 3.84 -3.06 11.66
N VAL C 114 2.73 -3.51 11.07
CA VAL C 114 2.35 -4.92 11.09
C VAL C 114 3.43 -5.77 10.41
N ASP C 115 3.86 -5.38 9.21
CA ASP C 115 4.90 -6.14 8.54
C ASP C 115 6.21 -6.12 9.31
N GLN C 116 6.48 -5.02 10.01
CA GLN C 116 7.69 -4.96 10.82
C GLN C 116 7.62 -5.95 11.98
N SER C 117 6.44 -6.04 12.63
CA SER C 117 6.24 -7.09 13.64
C SER C 117 6.45 -8.47 13.05
N VAL C 118 5.87 -8.72 11.87
CA VAL C 118 6.02 -10.04 11.26
C VAL C 118 7.47 -10.30 10.92
N GLN C 119 8.16 -9.29 10.37
CA GLN C 119 9.55 -9.45 9.99
C GLN C 119 10.44 -9.69 11.21
N SER C 120 10.22 -8.90 12.26
CA SER C 120 11.02 -9.05 13.48
C SER C 120 10.86 -10.45 14.06
N LEU C 121 9.63 -10.98 14.03
CA LEU C 121 9.40 -12.34 14.50
C LEU C 121 10.06 -13.34 13.56
N LYS C 122 9.99 -13.10 12.25
CA LYS C 122 10.61 -14.01 11.31
C LYS C 122 12.11 -14.09 11.55
N GLU C 123 12.72 -12.97 11.92
CA GLU C 123 14.15 -12.97 12.21
C GLU C 123 14.46 -13.84 13.41
N ALA C 124 13.55 -13.89 14.37
CA ALA C 124 13.72 -14.79 15.51
C ALA C 124 13.36 -16.23 15.20
N GLY C 125 12.99 -16.56 13.96
CA GLY C 125 12.70 -17.93 13.60
C GLY C 125 11.25 -18.34 13.73
N ILE C 126 10.35 -17.39 13.95
CA ILE C 126 8.95 -17.67 14.21
C ILE C 126 8.18 -17.19 12.99
N VAL C 127 7.77 -18.13 12.14
CA VAL C 127 7.05 -17.80 10.91
C VAL C 127 5.55 -17.86 11.17
N LEU C 128 4.92 -16.69 11.18
CA LEU C 128 3.51 -16.63 11.53
C LEU C 128 2.65 -17.16 10.40
N THR C 129 1.55 -17.81 10.78
CA THR C 129 0.52 -18.18 9.83
C THR C 129 -0.31 -16.95 9.46
N ASP C 130 -1.16 -17.12 8.44
CA ASP C 130 -2.00 -16.01 8.00
C ASP C 130 -3.01 -15.64 9.08
N PHE C 131 -3.51 -16.64 9.79
CA PHE C 131 -4.39 -16.36 10.93
C PHE C 131 -3.64 -15.54 11.97
N GLN C 132 -2.40 -15.91 12.27
CA GLN C 132 -1.61 -15.15 13.22
C GLN C 132 -1.32 -13.74 12.72
N LYS C 133 -1.09 -13.59 11.41
CA LYS C 133 -0.88 -12.25 10.87
C LYS C 133 -2.15 -11.41 11.02
N GLY C 134 -3.31 -12.03 10.82
CA GLY C 134 -4.53 -11.30 11.05
C GLY C 134 -4.67 -10.87 12.50
N ASN C 135 -4.19 -11.69 13.43
CA ASN C 135 -4.20 -11.31 14.83
C ASN C 135 -3.27 -10.12 15.08
N GLU C 136 -2.13 -10.09 14.39
CA GLU C 136 -1.22 -8.96 14.53
C GLU C 136 -1.86 -7.68 14.02
N LYS C 137 -2.62 -7.79 12.93
CA LYS C 137 -3.33 -6.62 12.36
C LYS C 137 -4.33 -6.12 13.40
N ALA C 138 -5.07 -7.02 14.04
CA ALA C 138 -6.07 -6.60 15.02
C ALA C 138 -5.42 -5.94 16.22
N ARG C 139 -4.33 -6.51 16.72
CA ARG C 139 -3.71 -5.90 17.90
C ARG C 139 -3.05 -4.57 17.55
N GLU C 140 -2.53 -4.41 16.33
CA GLU C 140 -2.00 -3.11 15.94
C GLU C 140 -3.12 -2.08 15.81
N ARG C 141 -4.29 -2.49 15.29
CA ARG C 141 -5.45 -1.61 15.31
C ARG C 141 -5.78 -1.14 16.73
N MET C 142 -5.69 -2.05 17.70
CA MET C 142 -5.89 -1.66 19.09
C MET C 142 -4.88 -0.60 19.54
N LYS C 143 -3.61 -0.79 19.17
CA LYS C 143 -2.55 0.14 19.57
C LYS C 143 -2.75 1.53 18.98
N VAL C 144 -3.19 1.61 17.71
CA VAL C 144 -3.43 2.90 17.08
C VAL C 144 -4.54 3.66 17.81
N GLN C 145 -5.63 2.96 18.14
CA GLN C 145 -6.75 3.63 18.78
C GLN C 145 -6.38 4.12 20.18
N PHE C 146 -5.63 3.32 20.94
CA PHE C 146 -5.26 3.78 22.27
C PHE C 146 -4.18 4.85 22.21
N SER C 147 -3.36 4.84 21.16
CA SER C 147 -2.38 5.90 21.03
C SER C 147 -3.06 7.22 20.71
N ILE C 148 -4.10 7.16 19.87
CA ILE C 148 -4.87 8.35 19.56
C ILE C 148 -5.65 8.83 20.77
N ALA C 149 -6.26 7.88 21.51
CA ALA C 149 -7.01 8.23 22.71
C ALA C 149 -6.13 8.93 23.75
N SER C 150 -4.93 8.38 24.02
CA SER C 150 -4.02 9.05 24.95
C SER C 150 -3.62 10.42 24.45
N ASN C 151 -3.31 10.53 23.15
CA ASN C 151 -2.80 11.79 22.61
C ASN C 151 -3.89 12.85 22.56
N ARG C 152 -5.14 12.46 22.39
CA ARG C 152 -6.25 13.40 22.30
C ARG C 152 -7.08 13.46 23.57
N GLN C 153 -6.54 12.98 24.69
CA GLN C 153 -7.23 13.04 25.98
C GLN C 153 -8.58 12.32 25.93
N GLY C 154 -8.61 11.14 25.31
CA GLY C 154 -9.87 10.45 25.18
C GLY C 154 -9.87 9.01 25.63
N ILE C 155 -10.95 8.30 25.29
CA ILE C 155 -11.09 6.88 25.62
C ILE C 155 -11.42 6.17 24.33
N VAL C 156 -11.15 4.87 24.31
CA VAL C 156 -11.44 4.02 23.16
C VAL C 156 -12.79 3.33 23.36
N VAL C 157 -13.68 3.47 22.39
CA VAL C 157 -15.00 2.84 22.43
C VAL C 157 -14.95 1.57 21.61
N GLY C 158 -15.39 0.46 22.21
CA GLY C 158 -15.32 -0.84 21.60
C GLY C 158 -16.62 -1.27 20.94
N THR C 159 -16.51 -2.33 20.13
CA THR C 159 -17.63 -2.86 19.36
C THR C 159 -18.12 -4.21 19.87
N ASP C 160 -17.69 -4.65 21.06
CA ASP C 160 -18.18 -5.94 21.56
C ASP C 160 -19.69 -5.92 21.71
N HIS C 161 -20.31 -7.01 21.31
CA HIS C 161 -21.70 -7.29 21.61
C HIS C 161 -21.77 -8.74 22.06
N SER C 162 -22.98 -9.22 22.33
CA SER C 162 -23.06 -10.54 22.97
C SER C 162 -22.91 -11.68 22.00
N ALA C 163 -23.31 -11.50 20.74
CA ALA C 163 -23.14 -12.59 19.77
C ALA C 163 -21.68 -12.83 19.43
N GLU C 164 -20.80 -11.88 19.72
CA GLU C 164 -19.37 -12.06 19.53
C GLU C 164 -18.80 -13.01 20.58
N ASN C 165 -19.52 -13.20 21.68
CA ASN C 165 -19.08 -14.12 22.76
C ASN C 165 -19.19 -15.59 22.30
N ILE C 166 -19.94 -15.84 21.22
CA ILE C 166 -20.09 -17.15 20.66
C ILE C 166 -19.22 -17.28 19.41
N THR C 167 -19.31 -16.30 18.51
CA THR C 167 -18.49 -16.36 17.29
C THR C 167 -17.01 -16.17 17.61
N GLY C 168 -16.68 -15.35 18.60
CA GLY C 168 -15.30 -15.18 19.00
C GLY C 168 -14.34 -14.72 17.91
N PHE C 169 -14.85 -13.97 16.91
CA PHE C 169 -13.95 -13.35 15.94
C PHE C 169 -13.01 -12.33 16.60
N TYR C 170 -13.40 -11.80 17.76
CA TYR C 170 -12.53 -10.94 18.56
C TYR C 170 -11.18 -11.60 18.76
N THR C 171 -10.11 -10.84 18.53
CA THR C 171 -8.75 -11.29 18.80
C THR C 171 -8.42 -10.81 20.22
N LYS C 172 -8.00 -11.73 21.09
CA LYS C 172 -7.74 -11.39 22.48
C LYS C 172 -6.73 -10.25 22.58
N TYR C 173 -7.13 -9.17 23.26
CA TYR C 173 -6.34 -7.95 23.39
C TYR C 173 -6.16 -7.25 22.04
N GLY C 174 -7.00 -7.55 21.07
CA GLY C 174 -6.97 -6.88 19.78
C GLY C 174 -8.04 -5.83 19.65
N ASP C 175 -8.65 -5.74 18.46
CA ASP C 175 -9.47 -4.57 18.15
C ASP C 175 -10.64 -4.38 19.09
N GLY C 176 -11.17 -5.46 19.67
CA GLY C 176 -12.28 -5.29 20.59
C GLY C 176 -11.91 -4.69 21.92
N ALA C 177 -10.63 -4.62 22.24
CA ALA C 177 -10.20 -4.11 23.54
C ALA C 177 -10.41 -2.61 23.60
N ALA C 178 -11.13 -2.15 24.61
CA ALA C 178 -11.50 -0.74 24.68
C ALA C 178 -11.72 -0.33 26.13
N ASP C 179 -12.04 0.96 26.31
CA ASP C 179 -12.40 1.51 27.61
C ASP C 179 -13.88 1.35 27.92
N ILE C 180 -14.75 1.42 26.91
CA ILE C 180 -16.17 1.16 27.08
C ILE C 180 -16.67 0.37 25.87
N ALA C 181 -17.70 -0.43 26.10
CA ALA C 181 -18.29 -1.31 25.09
C ALA C 181 -19.81 -1.14 25.18
N PRO C 182 -20.34 -0.08 24.57
CA PRO C 182 -21.73 0.29 24.83
C PRO C 182 -22.75 -0.73 24.32
N ILE C 183 -22.47 -1.45 23.24
CA ILE C 183 -23.49 -2.33 22.67
C ILE C 183 -23.36 -3.74 23.21
N PHE C 184 -22.65 -3.92 24.31
CA PHE C 184 -22.75 -5.20 24.97
C PHE C 184 -24.19 -5.45 25.41
N GLY C 185 -24.69 -6.64 25.15
CA GLY C 185 -26.08 -6.95 25.42
C GLY C 185 -26.93 -7.06 24.18
N LEU C 186 -26.52 -6.44 23.09
CA LEU C 186 -27.17 -6.67 21.82
C LEU C 186 -26.68 -7.97 21.23
N ASN C 187 -27.56 -8.64 20.49
CA ASN C 187 -27.10 -9.67 19.57
C ASN C 187 -27.04 -9.05 18.17
N LYS C 188 -26.77 -9.89 17.17
CA LYS C 188 -26.47 -9.38 15.83
C LYS C 188 -27.69 -8.75 15.15
N ARG C 189 -28.84 -9.45 15.16
CA ARG C 189 -30.05 -8.92 14.53
C ARG C 189 -30.51 -7.65 15.21
N GLN C 190 -30.24 -7.51 16.51
CA GLN C 190 -30.58 -6.27 17.21
C GLN C 190 -29.70 -5.11 16.73
N GLY C 191 -28.42 -5.35 16.46
CA GLY C 191 -27.59 -4.33 15.85
C GLY C 191 -28.17 -3.85 14.52
N ARG C 192 -28.58 -4.82 13.68
CA ARG C 192 -29.14 -4.47 12.38
C ARG C 192 -30.43 -3.68 12.52
N GLN C 193 -31.30 -4.10 13.46
CA GLN C 193 -32.54 -3.39 13.71
C GLN C 193 -32.28 -1.93 14.03
N LEU C 194 -31.32 -1.66 14.93
CA LEU C 194 -31.02 -0.27 15.30
C LEU C 194 -30.43 0.50 14.12
N LEU C 195 -29.54 -0.13 13.36
CA LEU C 195 -28.98 0.54 12.18
C LEU C 195 -30.08 0.84 11.15
N ALA C 196 -30.93 -0.15 10.86
CA ALA C 196 -31.98 0.08 9.89
C ALA C 196 -32.92 1.18 10.35
N TYR C 197 -33.24 1.19 11.65
CA TYR C 197 -34.09 2.23 12.19
C TYR C 197 -33.45 3.62 12.05
N LEU C 198 -32.13 3.72 12.15
CA LEU C 198 -31.45 5.01 12.06
C LEU C 198 -31.27 5.49 10.63
N GLY C 199 -31.78 4.71 9.66
CA GLY C 199 -31.71 5.09 8.24
C GLY C 199 -30.43 4.64 7.56
N ALA C 200 -29.73 3.65 8.13
CA ALA C 200 -28.48 3.14 7.52
C ALA C 200 -28.77 2.53 6.16
N PRO C 201 -27.89 2.71 5.14
CA PRO C 201 -28.10 2.12 3.81
C PRO C 201 -27.97 0.60 3.74
N LYS C 202 -26.75 0.09 3.60
CA LYS C 202 -26.53 -1.37 3.48
C LYS C 202 -25.23 -1.76 4.21
N GLU C 203 -25.05 -1.19 5.39
CA GLU C 203 -23.91 -1.51 6.29
C GLU C 203 -24.38 -2.66 7.19
N LEU C 204 -25.70 -2.90 7.16
CA LEU C 204 -26.34 -3.96 7.94
C LEU C 204 -26.47 -5.23 7.11
N GLU C 223 -18.03 -19.04 3.06
CA GLU C 223 -17.91 -20.25 3.89
C GLU C 223 -18.17 -19.89 5.36
N ASP C 224 -18.31 -20.92 6.20
CA ASP C 224 -18.56 -20.71 7.65
C ASP C 224 -18.27 -21.99 8.44
N ALA C 225 -17.13 -22.01 9.14
CA ALA C 225 -16.72 -23.19 9.94
C ALA C 225 -17.02 -22.95 11.43
N LEU C 226 -18.14 -22.28 11.73
CA LEU C 226 -18.55 -22.07 13.14
C LEU C 226 -19.38 -23.31 13.54
N GLY C 227 -20.00 -23.94 12.55
CA GLY C 227 -20.91 -25.03 12.76
C GLY C 227 -22.32 -24.63 13.15
N VAL C 228 -22.69 -23.37 13.01
CA VAL C 228 -24.02 -22.89 13.39
C VAL C 228 -24.21 -21.56 12.70
N THR C 229 -25.48 -21.26 12.35
CA THR C 229 -25.83 -19.99 11.72
C THR C 229 -25.89 -18.87 12.75
N TYR C 230 -25.80 -17.64 12.25
CA TYR C 230 -25.94 -16.48 13.13
C TYR C 230 -27.35 -16.37 13.69
N GLU C 231 -28.35 -16.86 12.95
CA GLU C 231 -29.73 -16.79 13.43
C GLU C 231 -29.93 -17.66 14.66
N ALA C 232 -29.33 -18.86 14.67
CA ALA C 232 -29.49 -19.74 15.82
C ALA C 232 -28.74 -19.19 17.03
N ILE C 233 -27.57 -18.61 16.81
CA ILE C 233 -26.87 -17.92 17.89
C ILE C 233 -27.76 -16.84 18.49
N ASP C 234 -28.29 -15.96 17.64
CA ASP C 234 -29.17 -14.89 18.14
C ASP C 234 -30.37 -15.46 18.87
N ASN C 235 -31.01 -16.48 18.28
CA ASN C 235 -32.16 -17.13 18.92
C ASN C 235 -31.77 -17.70 20.28
N TYR C 236 -30.60 -18.33 20.35
CA TYR C 236 -30.15 -18.89 21.61
C TYR C 236 -29.97 -17.80 22.66
N LEU C 237 -29.40 -16.65 22.25
CA LEU C 237 -29.18 -15.57 23.21
C LEU C 237 -30.48 -15.00 23.71
N GLU C 238 -31.50 -15.00 22.87
CA GLU C 238 -32.82 -14.55 23.31
C GLU C 238 -33.54 -15.59 24.15
N GLY C 239 -32.87 -16.67 24.54
CA GLY C 239 -33.52 -17.70 25.31
C GLY C 239 -34.42 -18.62 24.51
N LYS C 240 -34.33 -18.61 23.19
CA LYS C 240 -35.18 -19.53 22.46
C LYS C 240 -34.53 -20.92 22.39
N PRO C 241 -35.33 -21.98 22.26
CA PRO C 241 -34.73 -23.30 22.04
C PRO C 241 -34.20 -23.39 20.61
N VAL C 242 -33.08 -24.10 20.47
CA VAL C 242 -32.48 -24.43 19.19
C VAL C 242 -32.24 -25.93 19.18
N THR C 243 -31.92 -26.49 17.99
CA THR C 243 -31.72 -27.93 17.86
C THR C 243 -30.60 -28.42 18.78
N PRO C 244 -30.59 -29.72 19.13
CA PRO C 244 -29.48 -30.26 19.94
C PRO C 244 -28.12 -29.96 19.36
N GLU C 245 -27.98 -30.07 18.05
CA GLU C 245 -26.69 -29.86 17.42
C GLU C 245 -26.25 -28.41 17.54
N GLU C 246 -27.18 -27.46 17.32
CA GLU C 246 -26.88 -26.05 17.51
C GLU C 246 -26.58 -25.74 18.97
N GLN C 247 -27.33 -26.34 19.89
CA GLN C 247 -27.07 -26.13 21.31
C GLN C 247 -25.65 -26.58 21.68
N LYS C 248 -25.20 -27.72 21.16
CA LYS C 248 -23.86 -28.20 21.52
C LYS C 248 -22.76 -27.35 20.90
N VAL C 249 -22.96 -26.93 19.65
CA VAL C 249 -21.96 -26.11 18.98
C VAL C 249 -21.86 -24.75 19.66
N ILE C 250 -23.01 -24.18 20.00
CA ILE C 250 -23.01 -22.88 20.66
C ILE C 250 -22.36 -22.99 22.03
N GLU C 251 -22.73 -24.03 22.79
CA GLU C 251 -22.22 -24.09 24.15
C GLU C 251 -20.72 -24.34 24.17
N ASN C 252 -20.21 -25.14 23.22
CA ASN C 252 -18.77 -25.34 23.13
C ASN C 252 -18.06 -24.05 22.77
N HIS C 253 -18.69 -23.21 21.94
CA HIS C 253 -18.11 -21.91 21.61
C HIS C 253 -18.14 -20.99 22.81
N TYR C 254 -19.21 -21.03 23.60
CA TYR C 254 -19.28 -20.14 24.76
C TYR C 254 -18.19 -20.46 25.77
N ILE C 255 -18.01 -21.75 26.07
CA ILE C 255 -17.03 -22.13 27.08
C ILE C 255 -15.62 -21.92 26.53
N ARG C 256 -15.42 -22.17 25.24
CA ARG C 256 -14.10 -22.02 24.65
C ARG C 256 -13.65 -20.58 24.55
N ASN C 257 -14.56 -19.61 24.73
CA ASN C 257 -14.24 -18.18 24.68
C ASN C 257 -14.34 -17.51 26.03
N ALA C 258 -14.64 -18.26 27.10
CA ALA C 258 -14.85 -17.66 28.43
C ALA C 258 -13.63 -16.86 28.88
N HIS C 259 -12.45 -17.29 28.45
CA HIS C 259 -11.18 -16.61 28.85
C HIS C 259 -11.07 -15.25 28.15
N LYS C 260 -11.84 -15.01 27.10
CA LYS C 260 -11.75 -13.72 26.36
C LYS C 260 -12.55 -12.62 27.07
N ARG C 261 -13.59 -12.99 27.82
CA ARG C 261 -14.43 -11.97 28.50
C ARG C 261 -14.02 -11.85 29.97
N GLU C 262 -12.73 -12.01 30.25
CA GLU C 262 -12.21 -11.92 31.63
C GLU C 262 -10.69 -11.75 31.60
N LEU C 263 -10.14 -11.08 32.62
CA LEU C 263 -8.67 -10.88 32.67
C LEU C 263 -7.96 -12.18 33.04
N ALA C 264 -6.65 -12.22 32.85
CA ALA C 264 -5.86 -13.41 33.13
C ALA C 264 -6.31 -14.10 34.39
N TYR C 265 -6.47 -15.42 34.31
CA TYR C 265 -6.92 -16.18 35.47
C TYR C 265 -5.84 -16.16 36.55
N THR C 266 -6.29 -16.05 37.79
CA THR C 266 -5.46 -16.10 38.99
C THR C 266 -5.91 -17.28 39.83
N ARG C 267 -5.27 -17.44 40.99
CA ARG C 267 -5.73 -18.48 41.91
C ARG C 267 -7.17 -18.28 42.34
N TYR C 268 -7.70 -17.07 42.23
CA TYR C 268 -9.01 -16.70 42.77
C TYR C 268 -10.11 -16.59 41.74
N THR C 269 -9.77 -16.46 40.46
CA THR C 269 -10.77 -16.46 39.40
C THR C 269 -10.80 -17.77 38.63
N TRP C 270 -9.95 -18.72 38.98
CA TRP C 270 -9.86 -19.99 38.27
C TRP C 270 -10.22 -21.12 39.23
N PRO C 271 -11.47 -21.64 39.17
CA PRO C 271 -12.03 -22.59 40.13
C PRO C 271 -11.29 -23.92 40.17
N LYS D 3 -7.60 15.40 -2.91
CA LYS D 3 -6.20 15.37 -2.47
C LYS D 3 -5.31 14.82 -3.58
N LEU D 4 -4.42 15.68 -4.05
CA LEU D 4 -3.59 15.31 -5.19
C LEU D 4 -2.51 14.32 -4.82
N GLN D 5 -2.03 14.30 -3.59
CA GLN D 5 -1.00 13.32 -3.26
C GLN D 5 -1.52 11.90 -3.32
N ASP D 6 -2.72 11.63 -2.81
CA ASP D 6 -3.24 10.26 -2.88
C ASP D 6 -3.42 9.80 -4.33
N VAL D 7 -3.82 10.72 -5.22
CA VAL D 7 -3.93 10.40 -6.64
C VAL D 7 -2.56 10.05 -7.20
N ILE D 8 -1.56 10.88 -6.95
CA ILE D 8 -0.22 10.63 -7.46
C ILE D 8 0.38 9.39 -6.81
N VAL D 9 0.26 9.27 -5.49
CA VAL D 9 0.81 8.10 -4.80
C VAL D 9 0.28 6.82 -5.43
N GLN D 10 -1.03 6.78 -5.69
CA GLN D 10 -1.61 5.59 -6.28
C GLN D 10 -1.17 5.39 -7.73
N GLU D 11 -0.95 6.47 -8.47
CA GLU D 11 -0.54 6.30 -9.87
C GLU D 11 0.91 5.85 -9.98
N MET D 12 1.77 6.22 -9.01
CA MET D 12 3.19 5.89 -9.09
C MET D 12 3.54 4.54 -8.44
N LYS D 13 2.60 3.91 -7.74
CA LYS D 13 2.71 2.51 -7.32
C LYS D 13 3.87 2.26 -6.35
N VAL D 14 4.41 3.29 -5.68
CA VAL D 14 5.54 3.02 -4.79
C VAL D 14 5.03 2.40 -3.50
N LYS D 15 5.73 1.35 -3.05
CA LYS D 15 5.43 0.72 -1.77
C LYS D 15 6.07 1.51 -0.64
N LYS D 16 5.39 1.52 0.51
CA LYS D 16 5.93 2.23 1.67
C LYS D 16 7.30 1.67 2.07
N ARG D 17 7.48 0.35 1.96
CA ARG D 17 8.77 -0.29 2.16
C ARG D 17 8.85 -1.58 1.36
N ILE D 18 10.08 -2.04 1.14
CA ILE D 18 10.35 -3.27 0.41
C ILE D 18 11.36 -4.12 1.17
N ASP D 19 11.14 -5.43 1.16
CA ASP D 19 12.16 -6.40 1.53
C ASP D 19 13.02 -6.69 0.30
N SER D 20 14.34 -6.58 0.48
CA SER D 20 15.27 -6.63 -0.65
C SER D 20 15.12 -7.91 -1.46
N ALA D 21 15.19 -9.07 -0.80
CA ALA D 21 15.17 -10.32 -1.55
C ALA D 21 13.85 -10.55 -2.24
N GLU D 22 12.74 -10.29 -1.55
CA GLU D 22 11.43 -10.44 -2.18
C GLU D 22 11.31 -9.56 -3.42
N GLU D 23 11.66 -8.28 -3.30
CA GLU D 23 11.49 -7.36 -4.41
C GLU D 23 12.42 -7.73 -5.56
N ILE D 24 13.66 -8.09 -5.26
CA ILE D 24 14.58 -8.55 -6.31
C ILE D 24 14.01 -9.77 -7.01
N MET D 25 13.44 -10.71 -6.24
CA MET D 25 12.83 -11.90 -6.84
C MET D 25 11.67 -11.52 -7.74
N GLU D 26 10.81 -10.59 -7.30
CA GLU D 26 9.67 -10.19 -8.10
C GLU D 26 10.09 -9.52 -9.40
N LEU D 27 11.14 -8.70 -9.34
CA LEU D 27 11.58 -7.98 -10.52
C LEU D 27 12.18 -8.94 -11.55
N LYS D 28 12.95 -9.91 -11.10
CA LYS D 28 13.50 -10.88 -12.04
C LYS D 28 12.40 -11.74 -12.65
N GLN D 29 11.40 -12.12 -11.83
CA GLN D 29 10.29 -12.91 -12.34
C GLN D 29 9.49 -12.16 -13.40
N PHE D 30 9.35 -10.85 -13.19
CA PHE D 30 8.71 -10.01 -14.21
C PHE D 30 9.51 -10.02 -15.51
N ILE D 31 10.82 -9.80 -15.41
CA ILE D 31 11.65 -9.83 -16.62
C ILE D 31 11.59 -11.20 -17.27
N LYS D 32 11.71 -12.27 -16.47
CA LYS D 32 11.75 -13.61 -17.03
C LYS D 32 10.41 -14.00 -17.65
N ASN D 33 9.29 -13.67 -16.98
CA ASN D 33 7.99 -14.03 -17.55
C ASN D 33 7.75 -13.30 -18.86
N TYR D 34 8.26 -12.08 -18.98
CA TYR D 34 8.11 -11.37 -20.23
C TYR D 34 8.90 -12.07 -21.32
N VAL D 35 10.16 -12.39 -21.03
CA VAL D 35 10.99 -13.10 -22.06
C VAL D 35 10.29 -14.41 -22.44
N GLN D 36 9.86 -15.19 -21.45
CA GLN D 36 9.22 -16.50 -21.70
C GLN D 36 7.94 -16.32 -22.51
N SER D 37 7.21 -15.23 -22.29
CA SER D 37 5.96 -15.02 -23.00
C SER D 37 6.17 -14.49 -24.41
N HIS D 38 7.40 -14.17 -24.79
CA HIS D 38 7.70 -13.80 -26.18
C HIS D 38 8.99 -14.57 -26.48
N SER D 39 8.80 -15.87 -26.74
CA SER D 39 9.88 -16.85 -26.83
C SER D 39 10.93 -16.52 -27.88
N PHE D 40 10.63 -15.65 -28.82
CA PHE D 40 11.57 -15.40 -29.89
C PHE D 40 12.69 -14.46 -29.47
N ILE D 41 12.70 -14.02 -28.23
CA ILE D 41 13.61 -12.97 -27.78
C ILE D 41 14.97 -13.59 -27.52
N LYS D 42 15.97 -13.15 -28.28
CA LYS D 42 17.34 -13.64 -28.15
C LYS D 42 18.24 -12.68 -27.38
N SER D 43 17.74 -11.49 -27.03
CA SER D 43 18.59 -10.51 -26.36
C SER D 43 17.76 -9.51 -25.59
N LEU D 44 18.37 -8.93 -24.57
CA LEU D 44 17.79 -7.86 -23.80
C LEU D 44 18.77 -6.70 -23.86
N VAL D 45 18.27 -5.51 -24.17
CA VAL D 45 19.13 -4.38 -24.49
C VAL D 45 18.81 -3.21 -23.55
N LEU D 46 19.86 -2.63 -22.98
CA LEU D 46 19.71 -1.51 -22.06
C LEU D 46 20.94 -0.62 -22.17
N GLY D 47 20.72 0.68 -22.32
CA GLY D 47 21.83 1.61 -22.27
C GLY D 47 22.38 1.69 -20.86
N ILE D 48 23.71 1.67 -20.74
CA ILE D 48 24.39 1.62 -19.45
C ILE D 48 25.16 2.93 -19.25
N SER D 49 24.55 3.87 -18.55
CA SER D 49 25.28 5.05 -18.09
C SER D 49 25.98 4.68 -16.79
N GLY D 50 26.44 5.67 -16.06
CA GLY D 50 27.08 5.37 -14.80
C GLY D 50 26.14 5.48 -13.63
N GLY D 51 24.86 5.78 -13.89
CA GLY D 51 23.94 6.02 -12.81
C GLY D 51 23.29 4.77 -12.28
N GLN D 52 22.73 4.92 -11.08
CA GLN D 52 22.20 3.79 -10.33
C GLN D 52 21.06 3.12 -11.08
N ASP D 53 20.24 3.89 -11.81
CA ASP D 53 19.07 3.32 -12.45
C ASP D 53 19.49 2.28 -13.50
N SER D 54 20.35 2.67 -14.45
CA SER D 54 20.76 1.71 -15.46
C SER D 54 21.61 0.61 -14.86
N THR D 55 22.34 0.91 -13.79
CA THR D 55 23.14 -0.10 -13.10
C THR D 55 22.26 -1.16 -12.46
N LEU D 56 21.23 -0.72 -11.72
CA LEU D 56 20.35 -1.67 -11.08
C LEU D 56 19.66 -2.57 -12.12
N VAL D 57 19.09 -1.97 -13.17
CA VAL D 57 18.38 -2.76 -14.16
C VAL D 57 19.35 -3.65 -14.92
N GLY D 58 20.54 -3.15 -15.25
CA GLY D 58 21.54 -4.01 -15.86
C GLY D 58 21.82 -5.23 -15.02
N LYS D 59 22.01 -5.03 -13.71
CA LYS D 59 22.25 -6.17 -12.79
C LYS D 59 21.02 -7.10 -12.77
N LEU D 60 19.81 -6.53 -12.71
CA LEU D 60 18.63 -7.39 -12.70
C LEU D 60 18.53 -8.21 -13.99
N VAL D 61 18.87 -7.60 -15.12
CA VAL D 61 18.73 -8.28 -16.40
C VAL D 61 19.75 -9.41 -16.54
N GLN D 62 20.98 -9.18 -16.08
CA GLN D 62 22.01 -10.22 -16.15
C GLN D 62 21.63 -11.42 -15.31
N MET D 63 21.13 -11.18 -14.10
CA MET D 63 20.68 -12.30 -13.26
C MET D 63 19.53 -13.06 -13.91
N SER D 64 18.61 -12.34 -14.56
CA SER D 64 17.46 -13.00 -15.17
C SER D 64 17.89 -13.82 -16.37
N VAL D 65 18.87 -13.34 -17.15
CA VAL D 65 19.30 -14.13 -18.29
C VAL D 65 20.12 -15.32 -17.83
N ASN D 66 20.92 -15.15 -16.77
CA ASN D 66 21.60 -16.28 -16.16
C ASN D 66 20.61 -17.39 -15.78
N GLU D 67 19.50 -17.02 -15.12
CA GLU D 67 18.51 -18.01 -14.71
C GLU D 67 17.71 -18.54 -15.89
N LEU D 68 17.56 -17.73 -16.95
CA LEU D 68 16.81 -18.16 -18.12
C LEU D 68 17.44 -19.36 -18.80
N ARG D 69 18.77 -19.48 -18.77
CA ARG D 69 19.35 -20.63 -19.45
C ARG D 69 19.00 -21.93 -18.73
N GLU D 70 18.77 -21.86 -17.42
CA GLU D 70 18.27 -23.04 -16.71
C GLU D 70 16.78 -23.29 -16.94
N GLU D 71 16.02 -22.27 -17.33
CA GLU D 71 14.59 -22.42 -17.58
C GLU D 71 14.26 -22.70 -19.05
N GLY D 72 15.27 -22.97 -19.88
CA GLY D 72 15.07 -23.36 -21.26
C GLY D 72 15.09 -22.26 -22.30
N ILE D 73 15.53 -21.06 -21.94
CA ILE D 73 15.70 -20.00 -22.93
C ILE D 73 17.17 -19.66 -22.98
N ASP D 74 17.76 -19.75 -24.17
CA ASP D 74 19.11 -19.28 -24.42
C ASP D 74 18.99 -17.80 -24.76
N CYS D 75 19.58 -16.94 -23.94
CA CYS D 75 19.38 -15.51 -24.11
C CYS D 75 20.65 -14.76 -23.71
N THR D 76 20.84 -13.56 -24.25
CA THR D 76 22.03 -12.77 -23.96
C THR D 76 21.67 -11.34 -23.61
N PHE D 77 22.44 -10.74 -22.71
CA PHE D 77 22.27 -9.35 -22.32
C PHE D 77 23.28 -8.47 -23.06
N ILE D 78 22.78 -7.39 -23.65
CA ILE D 78 23.59 -6.44 -24.42
C ILE D 78 23.51 -5.08 -23.75
N ALA D 79 24.60 -4.71 -23.08
CA ALA D 79 24.78 -3.38 -22.54
C ALA D 79 25.19 -2.42 -23.67
N VAL D 80 24.70 -1.19 -23.61
CA VAL D 80 25.00 -0.20 -24.65
C VAL D 80 25.65 1.02 -24.01
N LYS D 81 26.85 1.33 -24.44
CA LYS D 81 27.48 2.63 -24.16
C LYS D 81 27.04 3.61 -25.23
N LEU D 82 26.53 4.76 -24.80
CA LEU D 82 25.94 5.73 -25.73
C LEU D 82 26.52 7.10 -25.49
N PRO D 83 27.83 7.27 -25.64
CA PRO D 83 28.44 8.58 -25.42
C PRO D 83 28.07 9.54 -26.54
N TYR D 84 27.96 10.82 -26.19
CA TYR D 84 27.85 11.87 -27.19
C TYR D 84 29.27 12.42 -27.34
N GLY D 85 29.96 11.97 -28.40
CA GLY D 85 31.35 12.30 -28.61
C GLY D 85 32.27 11.40 -27.81
N VAL D 86 33.32 11.95 -27.23
CA VAL D 86 34.24 11.14 -26.45
C VAL D 86 33.88 11.13 -24.97
N ASP D 89 34.44 6.57 -20.27
CA ASP D 89 35.32 7.62 -19.80
C ASP D 89 35.03 7.98 -18.34
N ALA D 90 33.76 7.92 -17.96
CA ALA D 90 33.38 8.10 -16.56
C ALA D 90 33.78 6.89 -15.73
N ASP D 91 34.10 7.12 -14.45
CA ASP D 91 34.56 6.04 -13.55
C ASP D 91 33.39 5.11 -13.16
N GLU D 92 32.17 5.65 -13.09
CA GLU D 92 31.01 4.81 -12.67
C GLU D 92 30.60 3.87 -13.81
N VAL D 93 30.80 4.29 -15.06
CA VAL D 93 30.44 3.47 -16.20
C VAL D 93 31.21 2.17 -16.16
N GLU D 94 32.53 2.26 -16.00
CA GLU D 94 33.37 1.08 -16.01
C GLU D 94 33.12 0.23 -14.77
N GLN D 95 32.82 0.89 -13.65
CA GLN D 95 32.50 0.16 -12.39
C GLN D 95 31.19 -0.62 -12.62
N ALA D 96 30.17 0.05 -13.18
CA ALA D 96 28.89 -0.62 -13.42
C ALA D 96 29.07 -1.83 -14.30
N LEU D 97 29.86 -1.69 -15.38
CA LEU D 97 30.06 -2.79 -16.31
C LEU D 97 30.74 -4.00 -15.62
N ARG D 98 31.74 -3.73 -14.79
CA ARG D 98 32.48 -4.79 -14.06
C ARG D 98 31.54 -5.51 -13.09
N PHE D 99 30.57 -4.78 -12.52
CA PHE D 99 29.62 -5.39 -11.54
C PHE D 99 28.50 -6.12 -12.31
N ILE D 100 28.03 -5.53 -13.40
CA ILE D 100 26.95 -6.14 -14.22
C ILE D 100 27.45 -7.40 -14.93
N GLU D 101 28.72 -7.39 -15.34
CA GLU D 101 29.27 -8.47 -16.16
C GLU D 101 28.35 -8.79 -17.34
N PRO D 102 28.18 -7.87 -18.28
CA PRO D 102 27.28 -8.15 -19.40
C PRO D 102 27.88 -9.14 -20.37
N ASP D 103 27.00 -9.90 -21.02
CA ASP D 103 27.43 -10.82 -22.08
C ASP D 103 28.14 -10.08 -23.20
N GLU D 104 27.65 -8.90 -23.58
CA GLU D 104 28.22 -8.14 -24.67
C GLU D 104 28.07 -6.65 -24.39
N ILE D 105 29.05 -5.88 -24.87
CA ILE D 105 29.04 -4.42 -24.79
C ILE D 105 29.13 -3.85 -26.21
N VAL D 106 28.16 -3.00 -26.58
CA VAL D 106 28.16 -2.29 -27.85
C VAL D 106 28.32 -0.80 -27.55
N THR D 107 29.22 -0.14 -28.28
CA THR D 107 29.46 1.29 -28.12
C THR D 107 29.01 1.99 -29.39
N VAL D 108 28.12 2.97 -29.23
CA VAL D 108 27.62 3.75 -30.34
C VAL D 108 27.72 5.22 -29.94
N ASN D 109 28.61 5.94 -30.60
CA ASN D 109 28.72 7.37 -30.39
C ASN D 109 27.56 8.01 -31.11
N ILE D 110 26.70 8.73 -30.37
CA ILE D 110 25.50 9.32 -30.96
C ILE D 110 25.77 10.71 -31.54
N LYS D 111 26.95 11.29 -31.31
CA LYS D 111 27.24 12.64 -31.74
C LYS D 111 27.07 12.86 -33.26
N PRO D 112 27.58 12.00 -34.13
CA PRO D 112 27.36 12.27 -35.58
C PRO D 112 25.90 12.27 -35.97
N ALA D 113 25.07 11.38 -35.42
CA ALA D 113 23.67 11.39 -35.78
C ALA D 113 22.98 12.63 -35.23
N VAL D 114 23.22 12.93 -33.96
CA VAL D 114 22.57 14.07 -33.29
C VAL D 114 22.95 15.37 -33.99
N ASP D 115 24.25 15.57 -34.23
CA ASP D 115 24.70 16.82 -34.87
C ASP D 115 24.14 16.94 -36.28
N GLN D 116 23.95 15.80 -36.98
CA GLN D 116 23.36 15.89 -38.31
C GLN D 116 21.87 16.26 -38.23
N SER D 117 21.14 15.69 -37.27
CA SER D 117 19.77 16.14 -37.05
C SER D 117 19.72 17.64 -36.78
N VAL D 118 20.63 18.14 -35.92
CA VAL D 118 20.66 19.58 -35.61
C VAL D 118 20.97 20.39 -36.87
N GLN D 119 21.95 19.92 -37.64
CA GLN D 119 22.36 20.63 -38.86
C GLN D 119 21.25 20.67 -39.91
N SER D 120 20.53 19.55 -40.08
CA SER D 120 19.44 19.52 -41.05
C SER D 120 18.36 20.54 -40.72
N LEU D 121 18.03 20.64 -39.43
CA LEU D 121 17.03 21.62 -38.93
C LEU D 121 17.56 23.04 -39.12
N LYS D 122 18.83 23.27 -38.76
CA LYS D 122 19.48 24.60 -38.93
C LYS D 122 19.36 25.04 -40.39
N GLU D 123 19.62 24.12 -41.33
CA GLU D 123 19.53 24.44 -42.78
C GLU D 123 18.10 24.83 -43.13
N ALA D 124 17.12 24.19 -42.49
CA ALA D 124 15.73 24.54 -42.69
C ALA D 124 15.32 25.79 -41.92
N GLY D 125 16.25 26.42 -41.19
CA GLY D 125 15.96 27.64 -40.46
C GLY D 125 15.58 27.47 -39.01
N ILE D 126 15.75 26.29 -38.43
CA ILE D 126 15.31 25.97 -37.07
C ILE D 126 16.56 25.79 -36.20
N VAL D 127 16.85 26.76 -35.36
CA VAL D 127 18.03 26.76 -34.50
C VAL D 127 17.64 26.21 -33.13
N LEU D 128 18.16 25.03 -32.77
CA LEU D 128 17.83 24.46 -31.48
C LEU D 128 18.65 25.10 -30.36
N THR D 129 18.04 25.25 -29.19
CA THR D 129 18.75 25.60 -27.97
C THR D 129 19.49 24.39 -27.41
N ASP D 130 20.34 24.64 -26.42
CA ASP D 130 21.11 23.54 -25.77
C ASP D 130 20.13 22.50 -25.20
N PHE D 131 19.05 22.97 -24.57
CA PHE D 131 18.06 22.06 -24.00
C PHE D 131 17.44 21.19 -25.09
N GLN D 132 17.05 21.81 -26.21
CA GLN D 132 16.45 21.06 -27.31
C GLN D 132 17.42 20.06 -27.93
N LYS D 133 18.70 20.44 -27.99
CA LYS D 133 19.72 19.50 -28.45
C LYS D 133 19.79 18.29 -27.54
N GLY D 134 19.63 18.53 -26.24
CA GLY D 134 19.60 17.42 -25.31
C GLY D 134 18.42 16.50 -25.56
N ASN D 135 17.28 17.06 -26.02
CA ASN D 135 16.16 16.20 -26.37
C ASN D 135 16.52 15.30 -27.54
N GLU D 136 17.28 15.84 -28.50
CA GLU D 136 17.71 15.04 -29.65
C GLU D 136 18.64 13.91 -29.22
N LYS D 137 19.60 14.20 -28.33
CA LYS D 137 20.48 13.16 -27.78
C LYS D 137 19.68 12.03 -27.15
N ALA D 138 18.72 12.37 -26.27
CA ALA D 138 17.95 11.32 -25.60
C ALA D 138 17.16 10.50 -26.61
N ARG D 139 16.55 11.17 -27.59
CA ARG D 139 15.77 10.47 -28.59
C ARG D 139 16.65 9.66 -29.53
N GLU D 140 17.87 10.13 -29.80
CA GLU D 140 18.79 9.32 -30.60
C GLU D 140 19.24 8.10 -29.80
N ARG D 141 19.44 8.26 -28.49
CA ARG D 141 19.69 7.13 -27.61
C ARG D 141 18.55 6.11 -27.69
N MET D 142 17.30 6.59 -27.76
CA MET D 142 16.19 5.68 -27.97
C MET D 142 16.32 4.92 -29.29
N LYS D 143 16.71 5.63 -30.36
CA LYS D 143 16.83 4.99 -31.67
C LYS D 143 17.91 3.92 -31.68
N VAL D 144 19.05 4.20 -31.07
CA VAL D 144 20.14 3.22 -31.06
C VAL D 144 19.70 1.95 -30.35
N GLN D 145 19.05 2.09 -29.19
CA GLN D 145 18.65 0.93 -28.42
C GLN D 145 17.67 0.08 -29.18
N PHE D 146 16.68 0.69 -29.82
CA PHE D 146 15.68 -0.09 -30.51
C PHE D 146 16.22 -0.69 -31.80
N SER D 147 17.21 -0.06 -32.43
CA SER D 147 17.80 -0.67 -33.60
C SER D 147 18.66 -1.88 -33.21
N ILE D 148 19.34 -1.82 -32.05
CA ILE D 148 20.14 -2.97 -31.62
C ILE D 148 19.23 -4.11 -31.25
N ALA D 149 18.17 -3.81 -30.48
CA ALA D 149 17.21 -4.82 -30.07
C ALA D 149 16.58 -5.50 -31.27
N SER D 150 16.16 -4.72 -32.26
CA SER D 150 15.56 -5.32 -33.45
C SER D 150 16.57 -6.19 -34.19
N ASN D 151 17.80 -5.69 -34.31
CA ASN D 151 18.81 -6.41 -35.06
C ASN D 151 19.21 -7.71 -34.34
N ARG D 152 19.14 -7.72 -33.02
CA ARG D 152 19.56 -8.87 -32.23
C ARG D 152 18.38 -9.70 -31.75
N GLN D 153 17.21 -9.54 -32.38
CA GLN D 153 16.00 -10.31 -32.03
C GLN D 153 15.61 -10.06 -30.59
N GLY D 154 15.73 -8.82 -30.13
CA GLY D 154 15.53 -8.58 -28.73
C GLY D 154 14.55 -7.48 -28.40
N ILE D 155 14.56 -7.06 -27.14
CA ILE D 155 13.70 -6.02 -26.62
C ILE D 155 14.56 -5.02 -25.87
N VAL D 156 14.04 -3.82 -25.71
CA VAL D 156 14.67 -2.78 -24.91
C VAL D 156 14.07 -2.79 -23.50
N VAL D 157 14.93 -2.89 -22.50
CA VAL D 157 14.54 -2.84 -21.10
C VAL D 157 14.77 -1.42 -20.62
N GLY D 158 13.75 -0.81 -20.06
CA GLY D 158 13.85 0.57 -19.66
C GLY D 158 14.25 0.74 -18.21
N THR D 159 14.71 1.96 -17.92
CA THR D 159 15.19 2.36 -16.61
C THR D 159 14.27 3.34 -15.92
N ASP D 160 13.06 3.56 -16.45
CA ASP D 160 12.13 4.43 -15.76
C ASP D 160 11.76 3.83 -14.40
N HIS D 161 11.71 4.69 -13.39
CA HIS D 161 11.12 4.35 -12.10
C HIS D 161 10.22 5.51 -11.68
N SER D 162 9.65 5.43 -10.48
CA SER D 162 8.54 6.33 -10.15
C SER D 162 9.00 7.73 -9.78
N ALA D 163 10.22 7.88 -9.25
CA ALA D 163 10.75 9.21 -8.92
C ALA D 163 11.17 10.02 -10.13
N GLU D 164 11.27 9.41 -11.30
CA GLU D 164 11.65 10.14 -12.51
C GLU D 164 10.51 11.04 -13.00
N ASN D 165 10.82 11.83 -14.04
CA ASN D 165 9.90 12.79 -14.67
C ASN D 165 9.27 13.73 -13.64
N ILE D 166 10.06 14.68 -13.16
CA ILE D 166 9.61 15.65 -12.17
C ILE D 166 9.19 16.92 -12.89
N TYR D 170 13.40 15.16 -18.40
CA TYR D 170 12.84 13.95 -19.01
C TYR D 170 12.36 14.22 -20.45
N THR D 171 12.90 13.48 -21.43
CA THR D 171 12.54 13.69 -22.83
C THR D 171 11.51 12.66 -23.28
N LYS D 172 10.31 13.15 -23.62
CA LYS D 172 9.23 12.31 -24.12
C LYS D 172 9.68 11.59 -25.38
N TYR D 173 9.50 10.27 -25.38
CA TYR D 173 9.95 9.33 -26.40
C TYR D 173 11.46 9.23 -26.48
N GLY D 174 12.18 9.76 -25.50
CA GLY D 174 13.63 9.56 -25.37
C GLY D 174 13.86 8.67 -24.17
N ASP D 175 13.77 9.29 -23.00
CA ASP D 175 13.78 8.57 -21.74
C ASP D 175 12.49 7.77 -21.58
N GLY D 176 12.59 6.61 -20.94
CA GLY D 176 11.41 5.80 -20.73
C GLY D 176 10.93 5.04 -21.95
N ALA D 177 11.47 5.33 -23.12
CA ALA D 177 11.09 4.59 -24.31
C ALA D 177 11.77 3.23 -24.23
N ALA D 178 10.97 2.19 -24.06
CA ALA D 178 11.47 0.83 -23.87
C ALA D 178 10.31 -0.12 -24.14
N ASP D 179 10.60 -1.43 -24.11
CA ASP D 179 9.54 -2.42 -24.21
C ASP D 179 8.98 -2.76 -22.84
N ILE D 180 9.84 -2.85 -21.83
CA ILE D 180 9.40 -3.13 -20.47
C ILE D 180 10.17 -2.22 -19.53
N ALA D 181 9.56 -1.90 -18.40
CA ALA D 181 10.13 -0.98 -17.42
C ALA D 181 10.03 -1.65 -16.05
N PRO D 182 10.95 -2.58 -15.76
CA PRO D 182 10.74 -3.44 -14.59
C PRO D 182 10.75 -2.69 -13.28
N ILE D 183 11.56 -1.64 -13.18
CA ILE D 183 11.68 -0.98 -11.89
C ILE D 183 10.71 0.19 -11.76
N PHE D 184 9.72 0.26 -12.66
CA PHE D 184 8.61 1.18 -12.41
C PHE D 184 7.89 0.73 -11.15
N GLY D 185 7.60 1.67 -10.26
CA GLY D 185 7.09 1.38 -8.93
C GLY D 185 8.11 1.59 -7.83
N LEU D 186 9.41 1.49 -8.15
CA LEU D 186 10.45 1.84 -7.19
C LEU D 186 10.63 3.35 -7.16
N ASN D 187 11.01 3.88 -6.00
CA ASN D 187 11.52 5.24 -5.92
C ASN D 187 13.05 5.19 -5.90
N LYS D 188 13.67 6.35 -5.67
CA LYS D 188 15.13 6.47 -5.78
C LYS D 188 15.83 5.73 -4.64
N ARG D 189 15.38 5.93 -3.40
CA ARG D 189 15.99 5.28 -2.23
C ARG D 189 15.88 3.77 -2.29
N GLN D 190 14.78 3.25 -2.84
CA GLN D 190 14.62 1.81 -2.96
C GLN D 190 15.60 1.23 -3.97
N GLY D 191 15.85 1.97 -5.07
CA GLY D 191 16.90 1.56 -5.98
C GLY D 191 18.24 1.42 -5.28
N ARG D 192 18.56 2.37 -4.40
CA ARG D 192 19.80 2.32 -3.65
C ARG D 192 19.83 1.13 -2.72
N GLN D 193 18.72 0.88 -2.01
CA GLN D 193 18.65 -0.25 -1.09
C GLN D 193 18.96 -1.57 -1.79
N LEU D 194 18.38 -1.77 -2.99
CA LEU D 194 18.63 -3.02 -3.71
C LEU D 194 20.07 -3.10 -4.20
N LEU D 195 20.63 -1.99 -4.68
CA LEU D 195 21.99 -2.00 -5.19
C LEU D 195 22.98 -2.39 -4.10
N ALA D 196 22.83 -1.83 -2.90
CA ALA D 196 23.71 -2.22 -1.80
C ALA D 196 23.51 -3.69 -1.42
N TYR D 197 22.26 -4.15 -1.41
CA TYR D 197 21.98 -5.55 -1.09
C TYR D 197 22.61 -6.48 -2.11
N LEU D 198 22.69 -6.06 -3.37
CA LEU D 198 23.31 -6.85 -4.41
C LEU D 198 24.83 -6.72 -4.42
N GLY D 199 25.40 -5.91 -3.52
CA GLY D 199 26.83 -5.79 -3.41
C GLY D 199 27.48 -4.81 -4.36
N ALA D 200 26.71 -3.86 -4.90
CA ALA D 200 27.28 -2.82 -5.74
C ALA D 200 28.33 -2.02 -4.97
N PRO D 201 29.40 -1.60 -5.64
CA PRO D 201 30.32 -0.63 -5.04
C PRO D 201 29.58 0.65 -4.68
N LYS D 202 30.21 1.50 -3.87
CA LYS D 202 29.46 2.61 -3.31
C LYS D 202 29.39 3.87 -4.17
N GLU D 203 30.40 4.14 -5.00
CA GLU D 203 30.38 5.26 -5.98
C GLU D 203 29.43 6.44 -5.67
N GLY D 227 14.99 22.53 -7.85
CA GLY D 227 14.21 23.13 -6.77
C GLY D 227 13.57 22.13 -5.81
N VAL D 228 14.03 20.88 -5.85
CA VAL D 228 13.45 19.80 -5.04
C VAL D 228 14.50 18.73 -4.83
N THR D 229 14.54 18.17 -3.61
CA THR D 229 15.49 17.09 -3.37
C THR D 229 14.90 15.76 -3.84
N TYR D 230 15.80 14.79 -4.08
CA TYR D 230 15.36 13.45 -4.39
C TYR D 230 14.71 12.78 -3.19
N GLU D 231 15.06 13.20 -1.98
CA GLU D 231 14.44 12.60 -0.81
C GLU D 231 13.02 13.13 -0.54
N ALA D 232 12.73 14.38 -0.83
CA ALA D 232 11.36 14.83 -0.66
C ALA D 232 10.46 14.14 -1.67
N ILE D 233 10.95 13.99 -2.91
CA ILE D 233 10.24 13.21 -3.91
C ILE D 233 9.97 11.79 -3.38
N ASP D 234 11.01 11.15 -2.85
CA ASP D 234 10.86 9.80 -2.31
C ASP D 234 9.82 9.78 -1.20
N ASN D 235 9.91 10.72 -0.26
CA ASN D 235 8.93 10.78 0.81
C ASN D 235 7.52 10.97 0.25
N TYR D 236 7.41 11.83 -0.76
CA TYR D 236 6.09 12.11 -1.33
C TYR D 236 5.47 10.86 -1.96
N LEU D 237 6.26 10.10 -2.73
CA LEU D 237 5.73 8.90 -3.40
C LEU D 237 5.38 7.80 -2.41
N GLU D 238 6.07 7.74 -1.28
CA GLU D 238 5.71 6.80 -0.23
C GLU D 238 4.45 7.28 0.56
N GLY D 239 3.76 8.34 0.14
CA GLY D 239 2.61 8.83 0.87
C GLY D 239 2.93 9.61 2.13
N LYS D 240 4.19 10.01 2.33
CA LYS D 240 4.56 10.79 3.50
C LYS D 240 4.25 12.27 3.29
N PRO D 241 4.03 13.00 4.38
CA PRO D 241 3.92 14.45 4.26
C PRO D 241 5.28 15.09 3.97
N VAL D 242 5.24 16.15 3.17
CA VAL D 242 6.41 16.99 2.90
C VAL D 242 6.02 18.43 3.23
N THR D 243 7.05 19.30 3.25
CA THR D 243 6.85 20.72 3.55
C THR D 243 5.96 21.36 2.49
N PRO D 244 5.30 22.47 2.84
CA PRO D 244 4.52 23.19 1.82
C PRO D 244 5.30 23.51 0.57
N GLU D 245 6.57 23.92 0.70
CA GLU D 245 7.31 24.31 -0.49
C GLU D 245 7.56 23.10 -1.39
N GLU D 246 7.96 21.97 -0.81
CA GLU D 246 8.23 20.77 -1.60
C GLU D 246 6.98 20.24 -2.27
N GLN D 247 5.86 20.20 -1.52
CA GLN D 247 4.61 19.71 -2.08
C GLN D 247 4.16 20.54 -3.28
N LYS D 248 4.24 21.86 -3.17
CA LYS D 248 3.77 22.66 -4.29
C LYS D 248 4.71 22.47 -5.49
N VAL D 249 6.01 22.35 -5.23
CA VAL D 249 6.96 22.14 -6.34
C VAL D 249 6.73 20.78 -6.97
N ILE D 250 6.57 19.74 -6.14
CA ILE D 250 6.38 18.39 -6.66
C ILE D 250 5.08 18.31 -7.46
N GLU D 251 4.00 18.86 -6.89
CA GLU D 251 2.70 18.76 -7.56
C GLU D 251 2.65 19.61 -8.83
N ASN D 252 3.33 20.76 -8.84
CA ASN D 252 3.36 21.56 -10.06
C ASN D 252 4.13 20.84 -11.16
N HIS D 253 5.24 20.18 -10.81
CA HIS D 253 5.97 19.45 -11.82
C HIS D 253 5.20 18.21 -12.26
N TYR D 254 4.53 17.53 -11.32
CA TYR D 254 3.81 16.30 -11.68
C TYR D 254 2.72 16.58 -12.69
N ILE D 255 1.92 17.62 -12.44
CA ILE D 255 0.81 17.88 -13.33
C ILE D 255 1.33 18.36 -14.68
N ARG D 256 2.37 19.19 -14.67
CA ARG D 256 2.83 19.74 -15.93
C ARG D 256 3.58 18.74 -16.79
N ASN D 257 4.06 17.64 -16.21
CA ASN D 257 4.80 16.67 -16.98
C ASN D 257 4.15 15.32 -17.10
N ALA D 258 2.94 15.14 -16.55
CA ALA D 258 2.30 13.83 -16.60
C ALA D 258 2.18 13.32 -18.03
N HIS D 259 1.97 14.23 -18.99
CA HIS D 259 1.81 13.89 -20.39
C HIS D 259 3.02 13.17 -20.99
N LYS D 260 4.20 13.31 -20.38
CA LYS D 260 5.39 12.69 -20.96
C LYS D 260 5.40 11.18 -20.77
N ARG D 261 4.71 10.70 -19.73
CA ARG D 261 4.61 9.24 -19.50
C ARG D 261 3.17 8.84 -19.79
N GLU D 262 2.56 9.49 -20.77
CA GLU D 262 1.18 9.23 -21.09
C GLU D 262 1.04 9.20 -22.60
N LEU D 263 0.10 8.41 -23.08
CA LEU D 263 -0.18 8.39 -24.50
C LEU D 263 -0.70 9.75 -24.95
N ALA D 264 -0.60 10.00 -26.26
CA ALA D 264 -1.18 11.21 -26.84
C ALA D 264 -2.65 11.33 -26.48
N TYR D 265 -3.06 12.52 -26.06
CA TYR D 265 -4.45 12.72 -25.68
C TYR D 265 -5.40 12.65 -26.88
N THR D 266 -6.54 12.02 -26.67
CA THR D 266 -7.56 11.85 -27.70
C THR D 266 -8.81 12.61 -27.28
N ARG D 267 -9.92 12.39 -27.99
CA ARG D 267 -11.20 13.05 -27.61
C ARG D 267 -11.70 12.38 -26.32
N TYR D 268 -11.21 11.17 -26.03
CA TYR D 268 -11.65 10.43 -24.81
C TYR D 268 -10.68 10.74 -23.66
N THR D 269 -9.39 10.89 -23.98
CA THR D 269 -8.38 11.25 -22.95
C THR D 269 -7.89 12.69 -23.19
N TRP D 270 -8.20 13.57 -22.25
CA TRP D 270 -7.83 15.02 -22.10
C TRP D 270 -8.75 15.55 -20.99
N PRO D 271 -10.08 15.37 -21.14
CA PRO D 271 -11.04 15.71 -20.09
C PRO D 271 -10.98 14.61 -19.01
N LYS D 272 -10.53 13.40 -19.38
CA LYS D 272 -10.32 12.28 -18.44
C LYS D 272 -8.98 12.50 -17.72
N SER D 273 -8.04 13.18 -18.39
CA SER D 273 -6.72 13.50 -17.81
C SER D 273 -6.81 14.31 -16.51
#